data_5BV9
#
_entry.id   5BV9
#
_cell.length_a   97.291
_cell.length_b   97.291
_cell.length_c   218.108
_cell.angle_alpha   90.00
_cell.angle_beta   90.00
_cell.angle_gamma   90.00
#
_symmetry.space_group_name_H-M   'P 43 21 2'
#
loop_
_entity.id
_entity.type
_entity.pdbx_description
1 polymer 'Cellulose 1,4-beta-cellobiosidase'
2 branched beta-D-glucopyranose-(1-4)-beta-D-glucopyranose
3 non-polymer 'CALCIUM ION'
4 non-polymer 'MALONATE ION'
5 non-polymer 1,2-ETHANEDIOL
6 non-polymer 'ACETATE ION'
7 non-polymer GLYCEROL
8 water water
#
_entity_poly.entity_id   1
_entity_poly.type   'polypeptide(L)'
_entity_poly.pdbx_seq_one_letter_code
;MSNKERFLTLYHQIKSDANGYFSPEGIPYHSIETLICEAPDYGHMTTSEAYSYWLWLEVLYGHYTRDWSKLEAAWDNMEK
YIIPVNEDGNDEQPHMSAYNPSSPATYASEKPYPDQYPSQLSGARPAGQDPIDGELKSTYGTNETYLMHWLLDVDNWYKY
GNLLNPSHKAAYVNTFQRGQQESVWEAIPHPSQDDKSFGKPNEGFMSLFTKENQVPAAQWRYTNATDADARAIQAIYWAK
ELGYNNSTYLDKAKKMGDFLRYGMYDKYFQTIGSGKQGNPYPGNGKGACHYLMAWYTSWGGGLGDYANWSWRIGASHCHQ
GYQNPVAAYALSSDKGGLKPSSATGASDWEKTLKRQLEFYVWLQSKEGAIAGGATNSWNGDYSAYPAGRSTFYDMAYEDA
PVYHDPPSNNWFGMQAWPMERVAELYYIFVKDGDKTSENVQMAKSCITKWVNYALDYIFIGSRPVSDEEGYFLDDQGRRI
LGGTNATVATTSAPGEFWLPGNIAWSGQPDTWNGFQSATGNPNLTAVTKDPTQDTGVLGSLVKAFTFFAAATKLETGNYT
ALGVRAKDAAAQLLEVAWNYNDGVGIVTEEEREDYDRFFKKEVYFPNGWNGTFGQGNQIPGSSTIPSDPQRGGNGVYTSF
ADLRPNIKQDPAWSSLESKYQSSFNEATGKWENGAPVFTYHRFWSQVDMATAYAEYHRLINLEHHHHHH
;
_entity_poly.pdbx_strand_id   A
#
loop_
_chem_comp.id
_chem_comp.type
_chem_comp.name
_chem_comp.formula
ACT non-polymer 'ACETATE ION' 'C2 H3 O2 -1'
BGC D-saccharide, beta linking beta-D-glucopyranose 'C6 H12 O6'
CA non-polymer 'CALCIUM ION' 'Ca 2'
EDO non-polymer 1,2-ETHANEDIOL 'C2 H6 O2'
GOL non-polymer GLYCEROL 'C3 H8 O3'
MLI non-polymer 'MALONATE ION' 'C3 H2 O4 -2'
#
# COMPACT_ATOMS: atom_id res chain seq x y z
N SER A 2 15.91 -27.41 7.62
CA SER A 2 15.21 -27.42 6.31
C SER A 2 14.30 -26.19 6.17
N ASN A 3 14.08 -25.78 4.92
CA ASN A 3 13.25 -24.63 4.65
C ASN A 3 11.78 -24.85 5.07
N LYS A 4 11.30 -26.07 4.95
CA LYS A 4 9.98 -26.40 5.44
C LYS A 4 9.88 -26.17 6.93
N GLU A 5 10.89 -26.65 7.63
CA GLU A 5 10.93 -26.57 9.06
C GLU A 5 11.05 -25.16 9.50
N ARG A 6 11.86 -24.39 8.80
CA ARG A 6 11.98 -22.97 9.12
C ARG A 6 10.65 -22.27 8.89
N PHE A 7 9.95 -22.64 7.81
CA PHE A 7 8.64 -22.07 7.56
C PHE A 7 7.72 -22.35 8.76
N LEU A 8 7.63 -23.64 9.12
CA LEU A 8 6.74 -24.03 10.25
C LEU A 8 7.10 -23.37 11.58
N THR A 9 8.40 -23.28 11.84
CA THR A 9 8.86 -22.56 13.01
C THR A 9 8.38 -21.14 13.11
N LEU A 10 8.61 -20.41 12.04
CA LEU A 10 8.19 -19.03 12.02
C LEU A 10 6.66 -18.92 12.04
N TYR A 11 5.97 -19.83 11.37
CA TYR A 11 4.55 -19.79 11.40
C TYR A 11 4.07 -19.86 12.89
N HIS A 12 4.63 -20.79 13.66
CA HIS A 12 4.21 -20.95 15.04
C HIS A 12 4.59 -19.75 15.91
N GLN A 13 5.72 -19.15 15.64
CA GLN A 13 6.13 -17.90 16.30
C GLN A 13 5.11 -16.77 16.00
N ILE A 14 4.64 -16.69 14.77
CA ILE A 14 3.66 -15.62 14.43
C ILE A 14 2.32 -15.87 15.13
N LYS A 15 1.86 -17.13 15.10
CA LYS A 15 0.60 -17.49 15.68
C LYS A 15 0.51 -17.61 17.20
N SER A 16 1.64 -17.66 17.90
CA SER A 16 1.63 -18.00 19.28
C SER A 16 1.04 -16.89 20.13
N ASP A 17 0.12 -17.25 21.02
CA ASP A 17 -0.55 -16.27 21.90
C ASP A 17 0.45 -15.59 22.82
N ALA A 18 1.54 -16.25 23.12
CA ALA A 18 2.58 -15.68 23.93
C ALA A 18 3.34 -14.53 23.28
N ASN A 19 3.36 -14.41 21.96
CA ASN A 19 4.16 -13.44 21.29
C ASN A 19 3.52 -12.10 21.01
N GLY A 20 2.23 -12.04 20.94
CA GLY A 20 1.61 -10.75 20.90
C GLY A 20 1.50 -10.13 19.50
N TYR A 21 1.63 -10.94 18.44
CA TYR A 21 1.36 -10.42 17.07
C TYR A 21 -0.12 -10.18 16.84
N PHE A 22 -1.02 -10.84 17.59
CA PHE A 22 -2.45 -10.67 17.44
C PHE A 22 -3.07 -10.09 18.71
N SER A 23 -4.22 -9.39 18.56
CA SER A 23 -4.96 -8.86 19.69
C SER A 23 -5.78 -9.98 20.37
N PRO A 24 -6.39 -9.66 21.51
CA PRO A 24 -7.22 -10.69 22.13
C PRO A 24 -8.41 -11.09 21.27
N GLU A 25 -8.75 -10.29 20.27
N GLU A 25 -8.84 -10.18 20.38
CA GLU A 25 -9.87 -10.57 19.44
CA GLU A 25 -9.87 -10.40 19.36
C GLU A 25 -9.43 -11.31 18.18
C GLU A 25 -9.45 -11.35 18.21
N GLY A 26 -8.19 -11.78 18.14
CA GLY A 26 -7.67 -12.60 17.01
C GLY A 26 -7.27 -11.76 15.77
N ILE A 27 -7.01 -10.46 15.96
CA ILE A 27 -6.77 -9.54 14.85
C ILE A 27 -5.28 -9.27 14.79
N PRO A 28 -4.67 -9.38 13.61
CA PRO A 28 -3.25 -9.16 13.58
C PRO A 28 -2.96 -7.66 13.72
N TYR A 29 -1.93 -7.33 14.52
CA TYR A 29 -1.55 -5.94 14.65
C TYR A 29 -0.57 -5.57 13.54
N HIS A 30 -0.40 -4.27 13.25
CA HIS A 30 0.75 -3.85 12.41
C HIS A 30 2.09 -4.43 12.88
N SER A 31 2.31 -4.42 14.19
CA SER A 31 3.59 -4.80 14.79
C SER A 31 3.34 -5.09 16.26
N ILE A 32 4.15 -5.99 16.82
CA ILE A 32 4.04 -6.28 18.24
C ILE A 32 4.31 -5.00 19.03
N GLU A 33 5.34 -4.26 18.64
CA GLU A 33 5.62 -3.01 19.33
C GLU A 33 4.54 -1.94 19.01
N THR A 34 4.25 -1.10 20.00
CA THR A 34 3.30 0.01 19.85
C THR A 34 3.89 1.31 19.39
N LEU A 35 5.10 1.61 19.81
CA LEU A 35 5.64 2.93 19.48
C LEU A 35 6.42 2.76 18.16
N ILE A 36 5.71 3.06 17.07
CA ILE A 36 6.20 2.98 15.69
C ILE A 36 5.30 3.88 14.84
N CYS A 37 5.87 4.49 13.83
CA CYS A 37 5.10 5.33 12.95
C CYS A 37 5.75 5.29 11.54
N GLU A 38 4.92 4.96 10.55
CA GLU A 38 5.37 4.78 9.20
C GLU A 38 4.28 4.82 8.10
N ALA A 39 3.16 4.17 8.31
CA ALA A 39 2.02 4.32 7.43
C ALA A 39 0.78 4.32 8.29
N PRO A 40 0.54 3.20 9.03
CA PRO A 40 -0.15 3.33 10.28
C PRO A 40 0.76 4.15 11.21
N ASP A 41 0.13 4.92 12.09
CA ASP A 41 0.88 5.84 12.99
C ASP A 41 1.01 5.33 14.45
N TYR A 42 0.61 4.06 14.67
CA TYR A 42 0.69 3.41 16.00
C TYR A 42 0.74 1.93 15.72
N GLY A 43 1.49 1.18 16.51
CA GLY A 43 1.80 -0.19 16.13
C GLY A 43 0.66 -1.13 16.30
N HIS A 44 -0.28 -0.79 17.19
CA HIS A 44 -1.48 -1.62 17.35
C HIS A 44 -2.67 -1.12 16.57
N MET A 45 -2.45 -0.22 15.62
CA MET A 45 -3.41 -0.16 14.47
C MET A 45 -3.17 -1.48 13.70
N THR A 46 -4.08 -1.79 12.80
CA THR A 46 -3.77 -2.70 11.76
C THR A 46 -4.22 -2.16 10.44
N THR A 47 -3.84 -2.88 9.40
CA THR A 47 -4.09 -2.49 8.05
C THR A 47 -4.73 -3.59 7.26
N SER A 48 -5.39 -3.21 6.18
CA SER A 48 -5.77 -4.22 5.24
C SER A 48 -4.55 -5.00 4.68
N GLU A 49 -3.38 -4.36 4.56
N GLU A 49 -3.41 -4.31 4.53
CA GLU A 49 -2.20 -5.07 4.12
CA GLU A 49 -2.13 -4.93 4.18
C GLU A 49 -1.93 -6.25 5.06
C GLU A 49 -1.88 -6.17 5.04
N ALA A 50 -1.94 -5.98 6.36
CA ALA A 50 -1.68 -7.07 7.35
C ALA A 50 -2.69 -8.22 7.23
N TYR A 51 -3.99 -7.90 7.10
CA TYR A 51 -4.96 -8.94 6.85
C TYR A 51 -4.59 -9.75 5.60
N SER A 52 -4.19 -9.08 4.51
CA SER A 52 -3.91 -9.83 3.26
C SER A 52 -2.71 -10.73 3.44
N TYR A 53 -1.70 -10.22 4.14
CA TYR A 53 -0.58 -11.08 4.52
C TYR A 53 -0.97 -12.28 5.44
N TRP A 54 -1.88 -12.07 6.37
CA TRP A 54 -2.32 -13.14 7.19
C TRP A 54 -2.91 -14.27 6.34
N LEU A 55 -3.77 -13.91 5.40
CA LEU A 55 -4.39 -14.88 4.51
C LEU A 55 -3.30 -15.67 3.73
N TRP A 56 -2.31 -14.95 3.27
CA TRP A 56 -1.24 -15.60 2.49
C TRP A 56 -0.51 -16.63 3.35
N LEU A 57 -0.29 -16.27 4.60
CA LEU A 57 0.38 -17.15 5.51
C LEU A 57 -0.43 -18.42 5.76
N GLU A 58 -1.73 -18.24 6.00
CA GLU A 58 -2.59 -19.38 6.26
C GLU A 58 -2.82 -20.31 5.05
N VAL A 59 -2.74 -19.73 3.85
CA VAL A 59 -2.81 -20.51 2.64
C VAL A 59 -1.63 -21.46 2.57
N LEU A 60 -0.45 -20.96 2.77
CA LEU A 60 0.69 -21.86 2.69
C LEU A 60 0.68 -22.89 3.81
N TYR A 61 0.27 -22.49 5.01
CA TYR A 61 0.22 -23.44 6.11
C TYR A 61 -0.87 -24.48 5.86
N GLY A 62 -1.99 -24.06 5.30
CA GLY A 62 -3.10 -24.94 5.06
C GLY A 62 -2.79 -25.94 4.01
N HIS A 63 -2.00 -25.54 3.01
CA HIS A 63 -1.52 -26.47 2.05
C HIS A 63 -0.66 -27.54 2.70
N TYR A 64 0.26 -27.14 3.58
CA TYR A 64 1.15 -28.13 4.22
C TYR A 64 0.39 -29.06 5.19
N THR A 65 -0.62 -28.57 5.92
CA THR A 65 -1.29 -29.40 6.89
C THR A 65 -2.51 -30.04 6.28
N ARG A 66 -2.84 -29.67 5.05
CA ARG A 66 -4.08 -30.10 4.41
C ARG A 66 -5.33 -29.66 5.16
N ASP A 67 -5.24 -28.71 6.06
CA ASP A 67 -6.41 -28.26 6.80
C ASP A 67 -6.65 -26.77 6.49
N TRP A 68 -7.76 -26.44 5.85
CA TRP A 68 -8.10 -25.08 5.46
C TRP A 68 -8.91 -24.22 6.51
N SER A 69 -9.17 -24.81 7.69
N SER A 69 -9.14 -24.82 7.69
CA SER A 69 -10.02 -24.17 8.68
CA SER A 69 -9.95 -24.24 8.74
C SER A 69 -9.42 -22.84 9.17
C SER A 69 -9.42 -22.87 9.18
N LYS A 70 -8.12 -22.76 9.29
CA LYS A 70 -7.48 -21.48 9.76
C LYS A 70 -7.58 -20.38 8.69
N LEU A 71 -7.53 -20.78 7.43
CA LEU A 71 -7.72 -19.82 6.30
C LEU A 71 -9.11 -19.30 6.37
N GLU A 72 -10.05 -20.21 6.60
CA GLU A 72 -11.44 -19.79 6.66
C GLU A 72 -11.69 -18.92 7.85
N ALA A 73 -11.13 -19.27 8.99
CA ALA A 73 -11.27 -18.43 10.15
C ALA A 73 -10.67 -17.00 9.97
N ALA A 74 -9.55 -16.91 9.28
CA ALA A 74 -8.95 -15.61 9.05
C ALA A 74 -9.84 -14.79 8.15
N TRP A 75 -10.39 -15.39 7.10
CA TRP A 75 -11.32 -14.69 6.21
C TRP A 75 -12.57 -14.16 6.96
N ASP A 76 -13.12 -15.00 7.85
CA ASP A 76 -14.28 -14.61 8.69
C ASP A 76 -13.89 -13.44 9.60
N ASN A 77 -12.72 -13.51 10.17
CA ASN A 77 -12.24 -12.38 11.02
C ASN A 77 -12.12 -11.07 10.24
N MET A 78 -11.56 -11.17 9.01
CA MET A 78 -11.42 -10.00 8.14
C MET A 78 -12.79 -9.42 7.89
N GLU A 79 -13.65 -10.33 7.52
CA GLU A 79 -15.03 -9.97 7.22
C GLU A 79 -15.76 -9.31 8.39
N LYS A 80 -15.51 -9.79 9.58
CA LYS A 80 -16.22 -9.28 10.78
C LYS A 80 -15.72 -7.89 11.21
N TYR A 81 -14.40 -7.71 11.12
CA TYR A 81 -13.76 -6.49 11.69
C TYR A 81 -13.29 -5.39 10.76
N ILE A 82 -12.93 -5.73 9.53
CA ILE A 82 -12.34 -4.72 8.64
C ILE A 82 -13.03 -4.55 7.27
N ILE A 83 -13.92 -5.43 6.89
CA ILE A 83 -14.76 -5.20 5.75
C ILE A 83 -16.04 -4.69 6.33
N PRO A 84 -16.48 -3.47 6.04
CA PRO A 84 -17.72 -2.84 6.59
C PRO A 84 -19.00 -3.31 5.91
N VAL A 85 -19.18 -4.61 5.87
CA VAL A 85 -20.42 -5.16 5.40
C VAL A 85 -20.83 -6.06 6.51
N ASN A 86 -22.06 -5.90 6.91
CA ASN A 86 -22.51 -6.68 8.02
C ASN A 86 -23.88 -7.23 7.72
N GLU A 87 -23.90 -8.37 7.02
CA GLU A 87 -25.13 -9.12 6.85
C GLU A 87 -25.43 -9.69 8.22
N ASP A 88 -26.58 -9.29 8.76
CA ASP A 88 -26.98 -9.53 10.13
C ASP A 88 -27.13 -8.23 10.94
N GLY A 89 -26.17 -7.87 11.83
CA GLY A 89 -26.26 -6.68 12.70
C GLY A 89 -26.60 -5.31 12.07
N ASN A 90 -26.03 -4.23 12.60
CA ASN A 90 -26.28 -2.88 12.03
C ASN A 90 -25.66 -2.72 10.63
N ASP A 91 -26.28 -1.92 9.78
CA ASP A 91 -25.75 -1.60 8.47
C ASP A 91 -24.46 -0.73 8.71
N GLU A 92 -23.34 -1.18 8.17
CA GLU A 92 -22.10 -0.44 8.24
C GLU A 92 -21.89 0.51 7.08
N GLN A 93 -22.81 0.52 6.12
CA GLN A 93 -22.82 1.52 5.04
C GLN A 93 -24.20 2.07 4.83
N PRO A 94 -24.71 2.78 5.85
CA PRO A 94 -26.08 3.29 5.67
C PRO A 94 -26.21 4.35 4.60
N HIS A 95 -27.27 4.18 3.85
CA HIS A 95 -27.61 4.97 2.71
C HIS A 95 -26.79 4.73 1.44
N MET A 96 -25.95 3.68 1.46
CA MET A 96 -25.29 3.28 0.22
C MET A 96 -26.37 3.02 -0.88
N SER A 97 -27.55 2.57 -0.50
CA SER A 97 -28.66 2.41 -1.47
C SER A 97 -29.11 3.57 -2.18
N ALA A 98 -28.88 4.74 -1.63
CA ALA A 98 -29.24 6.00 -2.26
C ALA A 98 -28.15 6.58 -3.16
N TYR A 99 -27.05 5.86 -3.29
CA TYR A 99 -26.02 6.25 -4.23
C TYR A 99 -26.58 6.57 -5.61
N ASN A 100 -26.08 7.66 -6.16
CA ASN A 100 -26.45 8.08 -7.50
C ASN A 100 -25.29 7.83 -8.46
N PRO A 101 -25.38 6.71 -9.20
CA PRO A 101 -24.32 6.44 -10.13
C PRO A 101 -24.17 7.44 -11.28
N SER A 102 -25.15 8.28 -11.57
CA SER A 102 -24.94 9.37 -12.55
C SER A 102 -24.24 10.58 -11.97
N SER A 103 -24.18 10.68 -10.64
CA SER A 103 -23.37 11.75 -9.98
C SER A 103 -22.72 11.13 -8.74
N PRO A 104 -21.64 10.38 -8.98
CA PRO A 104 -21.06 9.58 -7.89
C PRO A 104 -20.61 10.38 -6.74
N ALA A 105 -20.06 11.56 -7.01
CA ALA A 105 -19.58 12.42 -5.93
C ALA A 105 -19.50 13.83 -6.39
N THR A 106 -19.15 14.74 -5.48
CA THR A 106 -18.97 16.16 -5.76
C THR A 106 -17.50 16.49 -5.76
N TYR A 107 -17.06 17.13 -6.82
CA TYR A 107 -15.69 17.55 -7.05
C TYR A 107 -15.20 18.48 -5.95
N ALA A 108 -13.98 18.22 -5.54
CA ALA A 108 -13.17 19.14 -4.82
C ALA A 108 -11.72 18.97 -5.28
N SER A 109 -10.97 20.09 -5.36
CA SER A 109 -9.55 19.99 -5.68
C SER A 109 -8.70 19.37 -4.56
N GLU A 110 -7.62 18.69 -4.93
CA GLU A 110 -6.60 18.31 -3.97
C GLU A 110 -5.65 19.49 -3.87
N LYS A 111 -4.80 19.51 -2.85
CA LYS A 111 -3.92 20.64 -2.67
C LYS A 111 -2.54 20.19 -2.43
N PRO A 112 -1.56 21.04 -2.83
CA PRO A 112 -0.14 20.68 -2.69
C PRO A 112 0.39 20.65 -1.24
N TYR A 113 -0.33 21.29 -0.31
CA TYR A 113 -0.03 21.21 1.14
C TYR A 113 -1.27 21.00 1.97
N PRO A 114 -1.16 20.28 3.10
CA PRO A 114 -2.29 20.17 3.99
C PRO A 114 -2.88 21.49 4.45
N ASP A 115 -2.02 22.53 4.53
CA ASP A 115 -2.40 23.88 4.86
C ASP A 115 -3.51 24.47 4.04
N GLN A 116 -3.76 23.91 2.84
CA GLN A 116 -4.78 24.52 1.94
C GLN A 116 -6.14 23.83 2.06
N TYR A 117 -6.26 22.93 3.03
CA TYR A 117 -7.48 22.26 3.30
C TYR A 117 -8.13 23.01 4.48
N PRO A 118 -9.45 23.06 4.56
CA PRO A 118 -10.38 22.27 3.72
C PRO A 118 -10.54 22.82 2.29
N SER A 119 -10.83 21.90 1.38
CA SER A 119 -11.02 22.20 -0.01
C SER A 119 -12.53 22.37 -0.26
N GLN A 120 -12.89 23.27 -1.15
CA GLN A 120 -14.24 23.53 -1.41
C GLN A 120 -14.85 22.40 -2.23
N LEU A 121 -15.98 21.87 -1.78
CA LEU A 121 -16.82 21.00 -2.55
C LEU A 121 -17.59 21.85 -3.49
N SER A 122 -17.03 22.13 -4.64
CA SER A 122 -17.64 23.02 -5.59
C SER A 122 -18.46 22.36 -6.64
N GLY A 123 -18.19 21.11 -6.98
CA GLY A 123 -18.79 20.50 -8.14
C GLY A 123 -18.46 21.28 -9.41
N ALA A 124 -17.24 21.79 -9.42
CA ALA A 124 -16.75 22.62 -10.53
C ALA A 124 -16.75 21.74 -11.80
N ARG A 125 -16.20 20.54 -11.64
CA ARG A 125 -16.18 19.53 -12.63
C ARG A 125 -17.32 18.55 -12.29
N PRO A 126 -18.43 18.53 -13.06
CA PRO A 126 -19.37 17.42 -12.81
C PRO A 126 -18.76 16.04 -12.92
N ALA A 127 -19.13 15.18 -12.01
CA ALA A 127 -18.58 13.80 -12.01
C ALA A 127 -19.21 13.00 -13.13
N GLY A 128 -18.44 12.09 -13.70
CA GLY A 128 -18.95 11.22 -14.77
C GLY A 128 -19.69 10.02 -14.21
N GLN A 129 -20.16 9.22 -15.17
N GLN A 129 -20.40 9.33 -15.09
CA GLN A 129 -20.98 8.02 -14.93
CA GLN A 129 -21.26 8.21 -14.65
C GLN A 129 -20.20 6.93 -14.24
C GLN A 129 -20.42 6.95 -14.33
N ASP A 130 -20.81 6.27 -13.26
CA ASP A 130 -20.25 4.98 -12.75
C ASP A 130 -20.88 3.85 -13.62
N PRO A 131 -20.06 3.16 -14.41
CA PRO A 131 -20.59 2.16 -15.25
C PRO A 131 -20.56 0.78 -14.65
N ILE A 132 -20.12 0.57 -13.39
CA ILE A 132 -20.19 -0.78 -12.80
C ILE A 132 -21.22 -0.98 -11.69
N ASP A 133 -21.69 0.11 -11.08
CA ASP A 133 -22.67 0.09 -10.04
C ASP A 133 -23.86 -0.83 -10.41
N GLY A 134 -24.35 -0.64 -11.64
CA GLY A 134 -25.49 -1.45 -12.07
C GLY A 134 -25.17 -2.91 -12.12
N GLU A 135 -23.99 -3.30 -12.57
CA GLU A 135 -23.67 -4.76 -12.67
C GLU A 135 -23.53 -5.38 -11.33
N LEU A 136 -22.90 -4.63 -10.42
CA LEU A 136 -22.68 -5.10 -9.05
C LEU A 136 -24.03 -5.34 -8.30
N LYS A 137 -24.95 -4.39 -8.45
CA LYS A 137 -26.31 -4.48 -7.86
C LYS A 137 -27.03 -5.64 -8.44
N SER A 138 -26.93 -5.79 -9.73
CA SER A 138 -27.57 -6.92 -10.38
C SER A 138 -26.95 -8.24 -9.95
N THR A 139 -25.64 -8.30 -9.80
CA THR A 139 -24.95 -9.57 -9.49
C THR A 139 -25.16 -9.95 -8.04
N TYR A 140 -25.06 -9.00 -7.10
CA TYR A 140 -25.07 -9.32 -5.68
C TYR A 140 -26.33 -8.93 -4.95
N GLY A 141 -27.24 -8.16 -5.56
CA GLY A 141 -28.43 -7.65 -4.84
C GLY A 141 -28.10 -6.57 -3.82
N THR A 142 -26.91 -6.02 -3.96
CA THR A 142 -26.42 -5.02 -3.06
C THR A 142 -25.34 -4.19 -3.79
N ASN A 143 -25.20 -2.93 -3.41
CA ASN A 143 -23.96 -2.21 -3.75
C ASN A 143 -23.08 -1.94 -2.53
N GLU A 144 -23.33 -2.60 -1.40
CA GLU A 144 -22.39 -2.47 -0.25
C GLU A 144 -21.03 -2.96 -0.66
N THR A 145 -20.04 -2.09 -0.53
CA THR A 145 -18.72 -2.33 -1.00
C THR A 145 -18.08 -3.42 -0.20
N TYR A 146 -17.75 -4.52 -0.88
CA TYR A 146 -17.00 -5.64 -0.22
C TYR A 146 -15.51 -5.53 -0.47
N LEU A 147 -14.94 -4.55 0.18
CA LEU A 147 -13.51 -4.30 0.21
C LEU A 147 -13.12 -3.97 1.63
N MET A 148 -11.87 -4.27 2.02
CA MET A 148 -11.38 -3.92 3.33
C MET A 148 -11.16 -2.42 3.38
N HIS A 149 -11.62 -1.79 4.46
CA HIS A 149 -11.14 -0.46 4.84
C HIS A 149 -9.67 -0.58 5.21
N TRP A 150 -8.86 0.43 4.89
CA TRP A 150 -7.42 0.24 5.00
C TRP A 150 -6.79 0.24 6.40
N LEU A 151 -7.51 0.85 7.34
CA LEU A 151 -6.94 1.21 8.67
C LEU A 151 -7.93 0.97 9.82
N LEU A 152 -7.52 0.13 10.78
CA LEU A 152 -8.35 -0.29 11.90
C LEU A 152 -7.65 -0.04 13.21
N ASP A 153 -8.35 0.55 14.15
CA ASP A 153 -7.81 0.83 15.46
C ASP A 153 -8.18 -0.33 16.37
N VAL A 154 -7.26 -1.27 16.50
CA VAL A 154 -7.58 -2.61 16.98
C VAL A 154 -7.83 -2.63 18.49
N ASP A 155 -7.04 -1.86 19.25
CA ASP A 155 -7.21 -1.71 20.68
C ASP A 155 -8.07 -0.46 21.10
N ASN A 156 -8.72 0.21 20.15
CA ASN A 156 -9.47 1.44 20.42
C ASN A 156 -8.58 2.45 21.14
N TRP A 157 -7.34 2.54 20.64
CA TRP A 157 -6.34 3.47 21.18
C TRP A 157 -6.68 4.98 21.00
N TYR A 158 -7.36 5.30 19.93
CA TYR A 158 -7.82 6.63 19.72
C TYR A 158 -9.11 6.92 20.46
N LYS A 159 -9.76 5.88 21.01
CA LYS A 159 -10.92 6.00 21.90
C LYS A 159 -12.12 6.52 21.22
N TYR A 160 -12.21 6.45 19.88
CA TYR A 160 -13.41 6.82 19.21
C TYR A 160 -14.55 5.84 19.43
N GLY A 161 -14.25 4.61 19.79
CA GLY A 161 -15.21 3.53 19.76
C GLY A 161 -15.67 3.24 18.33
N ASN A 162 -16.59 2.32 18.21
CA ASN A 162 -17.05 1.82 16.92
C ASN A 162 -18.56 2.07 16.92
N LEU A 163 -18.96 3.14 16.26
CA LEU A 163 -20.32 3.57 16.31
C LEU A 163 -21.31 2.54 15.82
N LEU A 164 -21.04 1.98 14.66
CA LEU A 164 -22.05 1.08 14.05
C LEU A 164 -21.93 -0.36 14.51
N ASN A 165 -20.90 -0.74 15.27
CA ASN A 165 -20.80 -2.09 15.82
C ASN A 165 -20.17 -1.93 17.20
N PRO A 166 -20.94 -1.41 18.19
CA PRO A 166 -20.26 -0.97 19.43
C PRO A 166 -19.62 -2.04 20.30
N SER A 167 -20.05 -3.28 20.09
CA SER A 167 -19.42 -4.39 20.80
C SER A 167 -18.08 -4.78 20.20
N HIS A 168 -17.69 -4.23 19.06
CA HIS A 168 -16.34 -4.45 18.55
C HIS A 168 -15.38 -3.45 19.07
N LYS A 169 -14.33 -3.91 19.73
CA LYS A 169 -13.31 -3.00 20.19
C LYS A 169 -12.57 -2.33 19.01
N ALA A 170 -12.27 -3.10 17.96
CA ALA A 170 -11.54 -2.59 16.80
C ALA A 170 -12.47 -1.63 16.07
N ALA A 171 -12.03 -0.39 15.94
CA ALA A 171 -12.80 0.70 15.36
C ALA A 171 -12.22 1.23 14.00
N TYR A 172 -13.12 1.57 13.08
CA TYR A 172 -12.68 2.08 11.79
C TYR A 172 -12.19 3.53 11.93
N VAL A 173 -10.97 3.76 11.47
CA VAL A 173 -10.31 5.07 11.60
C VAL A 173 -9.71 5.47 10.25
N ASN A 174 -9.77 6.77 9.99
CA ASN A 174 -9.18 7.44 8.86
C ASN A 174 -8.04 8.31 9.32
N THR A 175 -7.00 8.43 8.49
CA THR A 175 -5.97 9.44 8.71
C THR A 175 -5.82 10.34 7.47
N PHE A 176 -4.98 9.87 6.53
CA PHE A 176 -4.65 10.58 5.34
C PHE A 176 -5.88 11.12 4.64
N GLN A 177 -5.88 12.41 4.38
CA GLN A 177 -6.92 13.02 3.61
C GLN A 177 -6.55 14.36 3.01
N ARG A 178 -5.29 14.78 3.14
CA ARG A 178 -4.96 16.15 2.72
C ARG A 178 -3.76 16.24 1.76
N GLY A 179 -3.77 15.45 0.72
CA GLY A 179 -2.87 15.62 -0.41
C GLY A 179 -1.50 15.07 -0.22
N GLN A 180 -0.64 15.42 -1.18
CA GLN A 180 0.63 14.80 -1.36
C GLN A 180 1.64 15.09 -0.30
N GLN A 181 1.48 16.23 0.35
CA GLN A 181 2.42 16.59 1.43
C GLN A 181 1.98 16.20 2.82
N GLU A 182 0.87 15.49 2.97
CA GLU A 182 0.50 15.09 4.31
C GLU A 182 1.21 13.80 4.62
N SER A 183 2.36 13.86 5.27
CA SER A 183 3.03 12.64 5.71
C SER A 183 2.23 11.94 6.79
N VAL A 184 2.69 10.76 7.17
CA VAL A 184 2.06 10.03 8.27
C VAL A 184 2.08 10.89 9.57
N TRP A 185 3.10 11.69 9.70
CA TRP A 185 3.26 12.57 10.87
C TRP A 185 2.32 13.76 10.89
N GLU A 186 1.78 14.08 9.74
CA GLU A 186 0.97 15.32 9.54
C GLU A 186 -0.54 15.07 9.47
N ALA A 187 -0.95 13.80 9.62
CA ALA A 187 -2.39 13.47 9.53
C ALA A 187 -3.08 13.44 10.91
N ILE A 188 -4.39 13.62 10.88
CA ILE A 188 -5.17 13.69 12.09
C ILE A 188 -6.13 12.52 12.13
N PRO A 189 -5.95 11.59 13.05
CA PRO A 189 -6.82 10.43 13.10
C PRO A 189 -8.21 10.81 13.46
N HIS A 190 -9.17 10.29 12.71
CA HIS A 190 -10.54 10.62 12.90
C HIS A 190 -11.38 9.42 12.56
N PRO A 191 -12.54 9.28 13.20
CA PRO A 191 -13.29 8.03 13.01
C PRO A 191 -13.90 7.98 11.60
N SER A 192 -13.86 6.80 11.02
CA SER A 192 -14.57 6.59 9.73
C SER A 192 -16.05 6.90 9.86
N GLN A 193 -16.66 6.56 10.99
CA GLN A 193 -18.07 6.87 11.30
C GLN A 193 -18.12 8.14 12.16
N ASP A 194 -18.40 9.28 11.56
CA ASP A 194 -18.30 10.58 12.20
C ASP A 194 -19.69 11.09 12.50
N ASP A 195 -20.11 10.86 13.74
CA ASP A 195 -21.38 11.36 14.24
C ASP A 195 -21.24 12.70 14.89
N LYS A 196 -20.10 13.35 14.75
CA LYS A 196 -19.82 14.66 15.28
C LYS A 196 -19.81 14.74 16.84
N SER A 197 -19.66 13.59 17.51
CA SER A 197 -19.53 13.51 18.91
C SER A 197 -18.08 13.82 19.29
N PHE A 198 -17.15 13.72 18.34
CA PHE A 198 -15.80 14.24 18.50
C PHE A 198 -15.58 15.31 17.46
N GLY A 199 -14.37 15.85 17.42
CA GLY A 199 -14.05 16.89 16.46
C GLY A 199 -14.71 18.20 16.87
N LYS A 200 -14.94 19.08 15.91
CA LYS A 200 -15.51 20.39 16.22
C LYS A 200 -17.03 20.24 16.47
N PRO A 201 -17.56 20.90 17.52
CA PRO A 201 -19.00 20.78 17.78
C PRO A 201 -19.84 21.12 16.54
N ASN A 202 -20.83 20.28 16.27
N ASN A 202 -20.86 20.28 16.29
CA ASN A 202 -21.69 20.43 15.10
CA ASN A 202 -21.73 20.38 15.13
C ASN A 202 -21.07 20.03 13.78
C ASN A 202 -21.02 20.24 13.77
N GLU A 203 -19.76 19.76 13.75
CA GLU A 203 -19.03 19.58 12.50
C GLU A 203 -18.22 18.30 12.42
N GLY A 204 -17.93 17.65 13.53
CA GLY A 204 -17.02 16.52 13.50
C GLY A 204 -15.67 16.97 12.97
N PHE A 205 -15.05 16.07 12.23
CA PHE A 205 -13.80 16.33 11.59
C PHE A 205 -13.94 16.76 10.14
N MET A 206 -15.16 16.82 9.60
CA MET A 206 -15.40 17.04 8.17
C MET A 206 -14.81 18.35 7.70
N SER A 207 -14.89 19.35 8.55
CA SER A 207 -14.51 20.69 8.16
C SER A 207 -13.00 20.91 8.22
N LEU A 208 -12.20 19.92 8.61
CA LEU A 208 -10.80 19.96 8.36
C LEU A 208 -10.46 19.73 6.85
N PHE A 209 -11.36 19.03 6.16
CA PHE A 209 -11.05 18.43 4.88
C PHE A 209 -11.86 19.05 3.72
N THR A 210 -13.12 19.35 3.95
CA THR A 210 -13.98 19.94 2.95
C THR A 210 -14.75 21.06 3.51
N LYS A 211 -15.07 22.00 2.63
CA LYS A 211 -16.02 23.02 2.97
C LYS A 211 -17.10 23.10 2.00
N GLU A 212 -18.27 23.44 2.52
N GLU A 212 -18.30 23.43 2.49
CA GLU A 212 -19.49 23.50 1.77
CA GLU A 212 -19.57 23.25 1.76
C GLU A 212 -20.33 24.49 2.52
C GLU A 212 -20.50 24.42 2.15
N ASN A 213 -21.35 24.94 1.85
N ASN A 213 -21.61 24.54 1.47
CA ASN A 213 -22.13 26.03 2.37
CA ASN A 213 -22.56 25.62 1.80
C ASN A 213 -23.21 25.64 3.38
C ASN A 213 -23.07 25.56 3.26
N GLN A 214 -23.37 24.36 3.70
CA GLN A 214 -24.15 24.01 4.84
C GLN A 214 -23.25 23.39 5.89
N VAL A 215 -23.84 23.08 7.03
CA VAL A 215 -23.16 22.41 8.12
C VAL A 215 -23.00 20.98 7.65
N PRO A 216 -21.82 20.37 7.86
CA PRO A 216 -21.73 18.98 7.39
C PRO A 216 -22.59 18.06 8.20
N ALA A 217 -23.32 17.20 7.54
CA ALA A 217 -24.08 16.19 8.22
C ALA A 217 -23.14 15.15 8.83
N ALA A 218 -23.67 14.46 9.82
CA ALA A 218 -22.99 13.27 10.32
C ALA A 218 -22.92 12.28 9.19
N GLN A 219 -21.78 11.61 9.10
CA GLN A 219 -21.50 10.81 7.94
C GLN A 219 -20.38 9.82 8.17
N TRP A 220 -20.31 8.84 7.27
CA TRP A 220 -19.26 7.83 7.32
C TRP A 220 -18.45 7.84 5.98
N ARG A 221 -17.27 7.22 6.05
N ARG A 221 -17.27 7.21 6.01
CA ARG A 221 -16.39 7.14 4.92
CA ARG A 221 -16.29 7.29 4.91
C ARG A 221 -15.31 6.08 5.16
C ARG A 221 -15.19 6.20 5.08
N TYR A 222 -15.13 5.27 4.13
CA TYR A 222 -14.14 4.20 4.13
C TYR A 222 -13.28 4.42 2.86
N THR A 223 -12.11 3.83 2.89
CA THR A 223 -11.08 3.95 1.87
C THR A 223 -10.24 2.65 1.91
N ASN A 224 -10.11 1.99 0.76
CA ASN A 224 -9.36 0.75 0.70
C ASN A 224 -7.90 1.09 0.31
N ALA A 225 -7.14 0.03 0.21
CA ALA A 225 -5.83 0.06 -0.37
C ALA A 225 -5.87 -1.08 -1.44
N THR A 226 -5.65 -0.71 -2.71
CA THR A 226 -5.88 -1.62 -3.84
C THR A 226 -4.95 -2.88 -3.86
N ASP A 227 -3.76 -2.74 -3.31
CA ASP A 227 -2.81 -3.85 -3.20
C ASP A 227 -3.19 -4.83 -2.08
N ALA A 228 -3.99 -4.40 -1.09
CA ALA A 228 -4.36 -5.24 0.00
C ALA A 228 -5.44 -6.27 -0.43
N ASP A 229 -6.56 -5.76 -0.92
CA ASP A 229 -7.61 -6.63 -1.39
C ASP A 229 -7.08 -7.52 -2.47
N ALA A 230 -6.21 -6.95 -3.32
CA ALA A 230 -5.65 -7.76 -4.43
C ALA A 230 -4.76 -8.87 -3.88
N ARG A 231 -4.01 -8.59 -2.83
CA ARG A 231 -3.16 -9.65 -2.24
C ARG A 231 -4.01 -10.73 -1.55
N ALA A 232 -5.19 -10.33 -0.96
CA ALA A 232 -6.15 -11.32 -0.51
C ALA A 232 -6.57 -12.29 -1.64
N ILE A 233 -6.89 -11.70 -2.78
CA ILE A 233 -7.30 -12.48 -3.95
C ILE A 233 -6.13 -13.35 -4.49
N GLN A 234 -4.91 -12.80 -4.47
CA GLN A 234 -3.72 -13.50 -4.79
C GLN A 234 -3.50 -14.71 -3.87
N ALA A 235 -3.78 -14.55 -2.58
CA ALA A 235 -3.68 -15.66 -1.66
C ALA A 235 -4.74 -16.73 -1.98
N ILE A 236 -5.99 -16.33 -2.27
CA ILE A 236 -7.01 -17.29 -2.61
C ILE A 236 -6.71 -17.97 -3.92
N TYR A 237 -6.13 -17.27 -4.89
CA TYR A 237 -5.58 -17.91 -6.12
C TYR A 237 -4.67 -19.10 -5.80
N TRP A 238 -3.69 -18.88 -4.92
CA TRP A 238 -2.78 -19.95 -4.55
C TRP A 238 -3.46 -21.04 -3.81
N ALA A 239 -4.44 -20.70 -2.99
CA ALA A 239 -5.09 -21.78 -2.26
C ALA A 239 -5.78 -22.76 -3.26
N LYS A 240 -6.53 -22.18 -4.15
CA LYS A 240 -7.23 -22.96 -5.15
C LYS A 240 -6.23 -23.81 -6.00
N GLU A 241 -5.09 -23.24 -6.34
CA GLU A 241 -4.07 -23.97 -7.09
C GLU A 241 -3.54 -25.10 -6.26
N LEU A 242 -3.48 -24.92 -4.94
CA LEU A 242 -3.00 -25.91 -4.02
C LEU A 242 -4.11 -26.85 -3.46
N GLY A 243 -5.28 -26.85 -4.10
CA GLY A 243 -6.37 -27.78 -3.81
C GLY A 243 -7.58 -27.27 -3.02
N TYR A 244 -7.54 -26.03 -2.56
CA TYR A 244 -8.65 -25.50 -1.79
C TYR A 244 -9.82 -25.43 -2.68
N ASN A 245 -10.99 -25.88 -2.24
CA ASN A 245 -12.12 -25.63 -3.11
C ASN A 245 -13.48 -25.49 -2.48
N ASN A 246 -13.49 -24.81 -1.37
CA ASN A 246 -14.72 -24.38 -0.80
C ASN A 246 -15.27 -23.16 -1.50
N SER A 247 -16.31 -23.41 -2.27
CA SER A 247 -17.03 -22.35 -2.91
C SER A 247 -17.43 -21.17 -2.14
N THR A 248 -17.85 -21.36 -0.90
CA THR A 248 -18.27 -20.26 -0.06
C THR A 248 -17.21 -19.14 -0.01
N TYR A 249 -15.95 -19.55 0.11
CA TYR A 249 -14.85 -18.60 0.19
C TYR A 249 -14.26 -18.18 -1.16
N LEU A 250 -14.19 -19.11 -2.11
CA LEU A 250 -13.79 -18.76 -3.41
C LEU A 250 -14.71 -17.67 -3.93
N ASP A 251 -16.03 -17.79 -3.70
CA ASP A 251 -16.97 -16.82 -4.24
C ASP A 251 -16.84 -15.41 -3.56
N LYS A 252 -16.39 -15.41 -2.31
CA LYS A 252 -16.15 -14.20 -1.58
C LYS A 252 -14.92 -13.47 -2.19
N ALA A 253 -13.88 -14.21 -2.58
CA ALA A 253 -12.76 -13.60 -3.29
C ALA A 253 -13.17 -12.99 -4.65
N LYS A 254 -14.07 -13.67 -5.34
CA LYS A 254 -14.62 -13.18 -6.57
C LYS A 254 -15.35 -11.92 -6.39
N LYS A 255 -16.14 -11.87 -5.33
CA LYS A 255 -16.98 -10.68 -5.11
C LYS A 255 -16.03 -9.46 -4.77
N MET A 256 -15.03 -9.74 -3.97
CA MET A 256 -14.05 -8.78 -3.61
C MET A 256 -13.41 -8.21 -4.90
N GLY A 257 -13.02 -9.08 -5.84
CA GLY A 257 -12.36 -8.67 -7.11
C GLY A 257 -13.34 -7.85 -7.96
N ASP A 258 -14.62 -8.20 -7.91
CA ASP A 258 -15.65 -7.41 -8.59
C ASP A 258 -15.71 -5.97 -8.07
N PHE A 259 -15.75 -5.79 -6.75
CA PHE A 259 -15.82 -4.44 -6.21
C PHE A 259 -14.49 -3.70 -6.35
N LEU A 260 -13.41 -4.45 -6.39
CA LEU A 260 -12.05 -3.85 -6.51
C LEU A 260 -11.88 -3.08 -7.85
N ARG A 261 -12.79 -3.39 -8.79
CA ARG A 261 -12.86 -2.68 -10.06
C ARG A 261 -13.00 -1.16 -9.90
N TYR A 262 -13.46 -0.72 -8.71
CA TYR A 262 -13.66 0.70 -8.48
C TYR A 262 -12.25 1.38 -8.48
N GLY A 263 -11.23 0.61 -8.18
CA GLY A 263 -9.88 1.10 -8.29
C GLY A 263 -9.38 1.41 -9.69
N MET A 264 -10.13 1.02 -10.72
CA MET A 264 -9.78 1.27 -12.11
C MET A 264 -10.31 2.55 -12.69
N TYR A 265 -10.96 3.37 -11.87
CA TYR A 265 -11.72 4.62 -12.33
C TYR A 265 -11.08 5.93 -11.82
N ASP A 266 -10.99 6.91 -12.69
CA ASP A 266 -10.62 8.27 -12.28
C ASP A 266 -11.40 8.71 -11.06
N LYS A 267 -10.77 9.50 -10.23
CA LYS A 267 -11.34 9.87 -8.96
C LYS A 267 -12.78 10.36 -9.08
N TYR A 268 -12.99 11.29 -9.97
CA TYR A 268 -14.33 11.82 -10.28
C TYR A 268 -14.94 11.33 -11.61
N PHE A 269 -14.56 10.11 -12.01
CA PHE A 269 -15.07 9.53 -13.26
C PHE A 269 -14.93 10.54 -14.43
N GLN A 270 -13.81 11.25 -14.51
CA GLN A 270 -13.42 12.08 -15.67
C GLN A 270 -12.77 11.17 -16.73
N THR A 271 -13.05 11.46 -17.98
CA THR A 271 -12.50 10.77 -19.10
C THR A 271 -10.94 10.76 -18.98
N ILE A 272 -10.39 9.57 -19.20
CA ILE A 272 -8.97 9.38 -19.12
C ILE A 272 -8.33 10.27 -20.21
N GLY A 273 -7.37 11.06 -19.79
CA GLY A 273 -6.68 11.98 -20.67
C GLY A 273 -7.30 13.37 -20.84
N SER A 274 -8.50 13.59 -20.30
CA SER A 274 -9.27 14.76 -20.64
C SER A 274 -8.73 16.00 -19.96
N GLY A 275 -7.92 15.81 -18.94
CA GLY A 275 -7.23 16.89 -18.29
C GLY A 275 -5.85 17.26 -18.80
N LYS A 276 -5.37 16.62 -19.87
CA LYS A 276 -4.06 16.85 -20.45
C LYS A 276 -3.86 18.32 -20.75
N GLN A 277 -4.90 18.99 -21.22
CA GLN A 277 -4.84 20.43 -21.53
C GLN A 277 -5.64 21.23 -20.52
N GLY A 278 -5.95 20.62 -19.36
CA GLY A 278 -6.57 21.34 -18.22
C GLY A 278 -8.10 21.55 -18.26
N ASN A 279 -8.78 20.85 -19.12
CA ASN A 279 -10.22 20.96 -19.23
C ASN A 279 -10.82 19.56 -19.26
N PRO A 280 -10.84 18.86 -18.12
CA PRO A 280 -11.40 17.55 -18.12
C PRO A 280 -12.88 17.54 -18.41
N TYR A 281 -13.45 16.38 -18.66
CA TYR A 281 -14.87 16.26 -18.85
C TYR A 281 -15.30 14.89 -18.47
N PRO A 282 -16.60 14.72 -18.15
CA PRO A 282 -17.06 13.51 -17.56
C PRO A 282 -16.91 12.35 -18.47
N GLY A 283 -16.62 11.21 -17.89
CA GLY A 283 -16.57 9.96 -18.60
C GLY A 283 -17.95 9.47 -18.95
N ASN A 284 -18.09 8.93 -20.15
CA ASN A 284 -19.26 8.13 -20.50
C ASN A 284 -18.89 6.73 -20.65
N GLY A 285 -19.83 5.85 -20.42
CA GLY A 285 -19.53 4.43 -20.38
C GLY A 285 -18.32 4.17 -19.47
N LYS A 286 -17.30 3.46 -20.00
CA LYS A 286 -16.05 3.21 -19.34
C LYS A 286 -14.97 4.17 -19.69
N GLY A 287 -15.36 5.36 -20.17
CA GLY A 287 -14.36 6.37 -20.62
C GLY A 287 -13.44 6.88 -19.47
N ALA A 288 -13.89 6.71 -18.21
CA ALA A 288 -13.08 7.05 -17.06
C ALA A 288 -12.29 5.91 -16.47
N CYS A 289 -12.34 4.76 -17.10
CA CYS A 289 -11.60 3.57 -16.70
C CYS A 289 -10.16 3.56 -17.29
N HIS A 290 -9.20 3.64 -16.38
CA HIS A 290 -7.80 3.58 -16.75
C HIS A 290 -7.25 2.16 -16.70
N TYR A 291 -8.04 1.18 -16.26
CA TYR A 291 -7.59 -0.21 -16.23
C TYR A 291 -6.32 -0.52 -15.42
N LEU A 292 -5.99 0.35 -14.49
CA LEU A 292 -4.94 0.16 -13.55
C LEU A 292 -5.57 0.11 -12.15
N MET A 293 -4.85 -0.39 -11.19
CA MET A 293 -5.23 -0.13 -9.81
C MET A 293 -4.66 1.23 -9.33
N ALA A 294 -5.54 2.23 -9.20
CA ALA A 294 -5.18 3.50 -8.59
C ALA A 294 -5.02 3.19 -7.08
N TRP A 295 -4.54 4.19 -6.35
CA TRP A 295 -4.13 3.99 -5.00
C TRP A 295 -5.27 3.50 -4.10
N TYR A 296 -6.48 4.04 -4.31
CA TYR A 296 -7.62 3.65 -3.48
C TYR A 296 -8.94 3.84 -4.23
N THR A 297 -10.02 3.27 -3.65
CA THR A 297 -11.37 3.75 -3.91
C THR A 297 -11.92 4.11 -2.52
N SER A 298 -12.77 5.09 -2.47
CA SER A 298 -13.35 5.55 -1.24
C SER A 298 -14.87 5.66 -1.44
N TRP A 299 -15.63 5.38 -0.37
CA TRP A 299 -17.04 5.44 -0.41
C TRP A 299 -17.54 5.98 0.93
N GLY A 300 -18.63 6.77 0.86
CA GLY A 300 -19.19 7.39 2.05
C GLY A 300 -20.65 7.69 1.94
N GLY A 301 -21.24 7.99 3.11
CA GLY A 301 -22.66 8.38 3.10
C GLY A 301 -23.13 8.92 4.45
N GLY A 302 -24.40 9.33 4.48
CA GLY A 302 -24.96 9.90 5.66
C GLY A 302 -25.12 8.96 6.80
N LEU A 303 -25.09 9.51 8.02
CA LEU A 303 -25.50 8.74 9.16
C LEU A 303 -26.82 9.31 9.69
N GLY A 304 -27.66 8.44 10.17
CA GLY A 304 -28.93 8.92 10.71
C GLY A 304 -30.00 9.17 9.67
N ASP A 305 -31.21 9.39 10.15
CA ASP A 305 -32.40 9.43 9.31
C ASP A 305 -32.48 10.67 8.43
N TYR A 306 -31.70 11.72 8.67
CA TYR A 306 -31.83 12.92 7.81
C TYR A 306 -30.77 13.05 6.73
N ALA A 307 -30.01 11.96 6.50
CA ALA A 307 -28.84 12.08 5.63
C ALA A 307 -28.87 10.93 4.63
N ASN A 308 -29.85 10.97 3.74
CA ASN A 308 -30.04 9.86 2.86
C ASN A 308 -29.34 10.05 1.50
N TRP A 309 -28.03 9.98 1.55
CA TRP A 309 -27.20 10.15 0.40
C TRP A 309 -25.92 9.31 0.60
N SER A 310 -25.19 9.09 -0.48
CA SER A 310 -23.88 8.45 -0.43
C SER A 310 -23.13 8.76 -1.71
N TRP A 311 -21.86 8.33 -1.75
CA TRP A 311 -20.99 8.71 -2.80
C TRP A 311 -19.84 7.73 -2.97
N ARG A 312 -19.20 7.80 -4.12
CA ARG A 312 -17.97 7.01 -4.43
C ARG A 312 -17.02 7.90 -5.15
N ILE A 313 -15.74 7.67 -4.88
CA ILE A 313 -14.68 8.10 -5.73
C ILE A 313 -13.76 6.93 -6.08
N GLY A 314 -13.22 6.98 -7.30
CA GLY A 314 -12.03 6.18 -7.64
C GLY A 314 -10.75 6.89 -7.14
N ALA A 315 -9.69 6.78 -7.93
CA ALA A 315 -8.53 7.62 -7.78
C ALA A 315 -7.81 7.75 -9.12
N SER A 316 -7.18 8.91 -9.30
CA SER A 316 -6.58 9.26 -10.52
C SER A 316 -5.11 8.88 -10.55
N HIS A 317 -4.48 8.80 -9.36
CA HIS A 317 -3.05 8.50 -9.26
C HIS A 317 -2.81 6.99 -9.13
N CYS A 318 -1.92 6.45 -9.97
CA CYS A 318 -1.63 5.08 -10.01
C CYS A 318 -0.15 4.85 -9.75
N HIS A 319 0.13 3.93 -8.85
CA HIS A 319 1.50 3.67 -8.43
C HIS A 319 1.79 2.26 -8.82
N GLN A 320 2.87 2.08 -9.54
CA GLN A 320 3.34 0.75 -9.94
C GLN A 320 3.32 -0.30 -8.83
N GLY A 321 3.72 0.15 -7.65
CA GLY A 321 3.89 -0.74 -6.55
C GLY A 321 2.61 -1.36 -5.95
N TYR A 322 1.46 -0.81 -6.32
CA TYR A 322 0.15 -1.33 -6.00
C TYR A 322 -0.46 -2.22 -7.08
N GLN A 323 0.13 -2.41 -8.27
CA GLN A 323 -0.49 -3.26 -9.24
C GLN A 323 -0.25 -4.73 -8.81
N ASN A 324 -1.22 -5.59 -9.08
CA ASN A 324 -1.14 -6.98 -8.74
C ASN A 324 -1.70 -7.76 -9.91
N PRO A 325 -0.83 -8.11 -10.86
CA PRO A 325 -1.32 -8.81 -12.03
C PRO A 325 -1.56 -10.29 -11.79
N VAL A 326 -1.09 -10.85 -10.71
CA VAL A 326 -1.49 -12.23 -10.32
C VAL A 326 -3.01 -12.25 -9.98
N ALA A 327 -3.47 -11.27 -9.18
CA ALA A 327 -4.90 -11.12 -8.90
C ALA A 327 -5.63 -10.89 -10.19
N ALA A 328 -5.10 -10.04 -11.05
CA ALA A 328 -5.82 -9.77 -12.33
C ALA A 328 -5.99 -11.03 -13.15
N TYR A 329 -4.94 -11.81 -13.21
CA TYR A 329 -5.00 -13.12 -13.85
C TYR A 329 -6.01 -14.08 -13.24
N ALA A 330 -5.98 -14.19 -11.90
CA ALA A 330 -6.90 -14.99 -11.17
C ALA A 330 -8.33 -14.66 -11.50
N LEU A 331 -8.60 -13.37 -11.59
CA LEU A 331 -9.95 -12.86 -11.86
C LEU A 331 -10.41 -12.85 -13.34
N SER A 332 -9.52 -13.10 -14.29
CA SER A 332 -9.84 -12.94 -15.69
C SER A 332 -9.76 -14.18 -16.55
N SER A 333 -9.19 -15.28 -16.10
CA SER A 333 -8.99 -16.44 -16.98
C SER A 333 -9.58 -17.67 -16.37
N ASP A 334 -9.74 -18.72 -17.18
CA ASP A 334 -10.30 -20.00 -16.68
C ASP A 334 -9.31 -20.70 -15.82
N LYS A 335 -8.06 -20.53 -16.17
CA LYS A 335 -7.02 -21.07 -15.37
C LYS A 335 -6.78 -20.32 -14.09
N GLY A 336 -7.10 -19.03 -14.05
CA GLY A 336 -6.99 -18.29 -12.78
C GLY A 336 -7.99 -18.76 -11.74
N GLY A 337 -9.22 -19.06 -12.16
CA GLY A 337 -10.15 -19.73 -11.28
C GLY A 337 -11.06 -18.83 -10.47
N LEU A 338 -10.86 -17.51 -10.50
CA LEU A 338 -11.64 -16.59 -9.69
C LEU A 338 -12.38 -15.57 -10.52
N LYS A 339 -12.77 -15.92 -11.74
CA LYS A 339 -13.64 -15.01 -12.47
C LYS A 339 -14.94 -14.63 -11.77
N PRO A 340 -15.21 -13.33 -11.57
CA PRO A 340 -16.51 -12.95 -11.02
C PRO A 340 -17.66 -13.34 -11.94
N SER A 341 -18.87 -13.39 -11.37
N SER A 341 -18.87 -13.39 -11.37
CA SER A 341 -20.10 -13.66 -12.16
CA SER A 341 -20.10 -13.68 -12.15
C SER A 341 -20.77 -12.43 -12.68
C SER A 341 -20.71 -12.45 -12.77
N SER A 342 -20.16 -11.28 -12.55
CA SER A 342 -20.75 -10.10 -13.13
C SER A 342 -20.59 -10.11 -14.65
N ALA A 343 -21.30 -9.26 -15.37
CA ALA A 343 -21.20 -9.27 -16.81
C ALA A 343 -19.83 -8.95 -17.38
N THR A 344 -19.14 -7.98 -16.82
CA THR A 344 -17.82 -7.60 -17.35
C THR A 344 -16.66 -7.62 -16.36
N GLY A 345 -16.84 -8.21 -15.17
CA GLY A 345 -15.79 -8.24 -14.19
C GLY A 345 -14.52 -8.93 -14.72
N ALA A 346 -14.66 -10.15 -15.21
CA ALA A 346 -13.54 -10.91 -15.81
C ALA A 346 -12.87 -10.17 -16.96
N SER A 347 -13.69 -9.67 -17.87
N SER A 347 -13.67 -9.64 -17.87
CA SER A 347 -13.20 -8.97 -19.03
CA SER A 347 -13.12 -8.99 -19.07
C SER A 347 -12.41 -7.74 -18.63
C SER A 347 -12.48 -7.64 -18.76
N ASP A 348 -12.96 -6.95 -17.72
CA ASP A 348 -12.27 -5.73 -17.25
C ASP A 348 -10.92 -6.12 -16.62
N TRP A 349 -10.89 -7.21 -15.85
CA TRP A 349 -9.63 -7.64 -15.24
C TRP A 349 -8.60 -8.15 -16.27
N GLU A 350 -9.10 -8.73 -17.35
CA GLU A 350 -8.25 -9.14 -18.44
C GLU A 350 -7.50 -7.98 -19.08
N LYS A 351 -8.22 -6.89 -19.33
CA LYS A 351 -7.65 -5.69 -19.86
C LYS A 351 -6.66 -5.12 -18.87
N THR A 352 -7.05 -5.16 -17.62
CA THR A 352 -6.18 -4.68 -16.55
C THR A 352 -4.87 -5.44 -16.45
N LEU A 353 -4.92 -6.73 -16.57
CA LEU A 353 -3.68 -7.59 -16.55
C LEU A 353 -2.67 -7.12 -17.62
N LYS A 354 -3.18 -6.91 -18.82
CA LYS A 354 -2.34 -6.44 -19.90
C LYS A 354 -1.84 -5.06 -19.59
N ARG A 355 -2.72 -4.16 -19.20
CA ARG A 355 -2.37 -2.77 -18.96
C ARG A 355 -1.37 -2.64 -17.82
N GLN A 356 -1.50 -3.48 -16.79
CA GLN A 356 -0.49 -3.50 -15.70
C GLN A 356 0.87 -3.93 -16.20
N LEU A 357 0.87 -4.99 -17.01
CA LEU A 357 2.18 -5.40 -17.58
C LEU A 357 2.84 -4.35 -18.47
N GLU A 358 2.04 -3.64 -19.27
CA GLU A 358 2.55 -2.56 -20.08
C GLU A 358 3.13 -1.39 -19.20
N PHE A 359 2.42 -1.09 -18.12
CA PHE A 359 2.80 -0.09 -17.18
C PHE A 359 4.20 -0.40 -16.58
N TYR A 360 4.42 -1.64 -16.15
CA TYR A 360 5.75 -2.01 -15.68
C TYR A 360 6.91 -1.83 -16.70
N VAL A 361 6.64 -2.24 -17.93
CA VAL A 361 7.60 -2.10 -19.03
C VAL A 361 7.83 -0.65 -19.26
N TRP A 362 6.75 0.13 -19.33
CA TRP A 362 6.88 1.54 -19.59
C TRP A 362 7.72 2.26 -18.53
N LEU A 363 7.54 1.86 -17.27
CA LEU A 363 8.20 2.49 -16.18
C LEU A 363 9.63 1.99 -15.86
N GLN A 364 10.12 1.00 -16.62
CA GLN A 364 11.39 0.39 -16.21
C GLN A 364 12.57 1.32 -16.61
N SER A 365 13.42 1.68 -15.65
CA SER A 365 14.49 2.63 -15.90
C SER A 365 15.52 2.04 -16.84
N LYS A 366 16.50 2.85 -17.22
CA LYS A 366 17.50 2.41 -18.18
C LYS A 366 18.28 1.23 -17.59
N GLU A 367 18.41 1.20 -16.27
CA GLU A 367 19.09 0.14 -15.61
C GLU A 367 18.22 -0.95 -15.02
N GLY A 368 16.91 -0.83 -15.07
CA GLY A 368 16.03 -1.98 -14.69
C GLY A 368 15.09 -1.80 -13.49
N ALA A 369 15.12 -0.66 -12.80
CA ALA A 369 14.29 -0.43 -11.64
C ALA A 369 12.93 0.14 -12.11
N ILE A 370 11.89 0.02 -11.31
CA ILE A 370 10.56 0.42 -11.77
C ILE A 370 10.20 1.79 -11.21
N ALA A 371 10.11 2.77 -12.08
CA ALA A 371 9.75 4.16 -11.71
C ALA A 371 8.24 4.26 -11.29
N GLY A 372 7.83 5.43 -10.78
CA GLY A 372 6.67 5.57 -9.91
C GLY A 372 5.30 5.21 -10.45
N GLY A 373 4.86 5.88 -11.51
CA GLY A 373 3.49 5.62 -11.98
C GLY A 373 2.98 6.77 -12.85
N ALA A 374 1.68 6.99 -12.75
CA ALA A 374 1.08 8.07 -13.54
C ALA A 374 -0.25 8.60 -12.97
N THR A 375 -0.71 9.72 -13.49
CA THR A 375 -1.96 10.24 -13.04
C THR A 375 -2.81 10.74 -14.20
N ASN A 376 -4.14 10.63 -14.00
CA ASN A 376 -5.10 11.33 -14.81
C ASN A 376 -5.48 12.69 -14.27
N SER A 377 -4.96 13.08 -13.11
CA SER A 377 -5.29 14.40 -12.54
C SER A 377 -4.01 15.16 -12.09
N TRP A 378 -3.37 15.92 -12.98
CA TRP A 378 -2.13 16.56 -12.60
C TRP A 378 -2.44 17.55 -11.47
N ASN A 379 -1.60 17.53 -10.44
CA ASN A 379 -1.80 18.28 -9.19
C ASN A 379 -3.11 17.96 -8.47
N GLY A 380 -3.82 16.90 -8.86
CA GLY A 380 -5.09 16.52 -8.29
C GLY A 380 -6.19 17.54 -8.46
N ASP A 381 -6.06 18.43 -9.45
CA ASP A 381 -7.18 19.28 -9.84
C ASP A 381 -7.33 19.35 -11.33
N TYR A 382 -6.92 18.27 -12.02
CA TYR A 382 -6.94 18.24 -13.52
C TYR A 382 -6.23 19.41 -14.18
N SER A 383 -5.02 19.73 -13.70
CA SER A 383 -4.20 20.72 -14.31
C SER A 383 -3.67 20.16 -15.60
N ALA A 384 -3.38 21.07 -16.53
CA ALA A 384 -2.74 20.70 -17.81
C ALA A 384 -1.39 20.05 -17.50
N TYR A 385 -1.00 19.05 -18.30
CA TYR A 385 0.25 18.35 -18.03
C TYR A 385 1.36 19.31 -18.41
N PRO A 386 2.51 19.25 -17.73
CA PRO A 386 3.64 20.10 -18.14
C PRO A 386 4.07 19.79 -19.57
N ALA A 387 4.58 20.83 -20.25
CA ALA A 387 5.08 20.68 -21.62
C ALA A 387 6.11 19.58 -21.63
N GLY A 388 5.96 18.62 -22.49
CA GLY A 388 6.95 17.54 -22.60
C GLY A 388 6.86 16.40 -21.59
N ARG A 389 5.80 16.36 -20.79
CA ARG A 389 5.68 15.30 -19.81
C ARG A 389 5.33 14.01 -20.54
N SER A 390 6.05 12.92 -20.26
CA SER A 390 5.76 11.61 -20.82
C SER A 390 4.43 11.09 -20.35
N THR A 391 3.75 10.33 -21.19
CA THR A 391 2.44 9.83 -20.84
C THR A 391 2.34 8.33 -21.09
N PHE A 392 1.36 7.75 -20.42
CA PHE A 392 0.96 6.37 -20.57
C PHE A 392 -0.54 6.33 -20.69
N TYR A 393 -1.03 5.88 -21.83
CA TYR A 393 -2.47 5.99 -22.13
C TYR A 393 -3.06 7.32 -21.71
N ASP A 394 -2.32 8.38 -22.03
CA ASP A 394 -2.76 9.73 -21.84
C ASP A 394 -2.76 10.23 -20.41
N MET A 395 -2.14 9.47 -19.53
CA MET A 395 -1.94 9.82 -18.15
C MET A 395 -0.47 10.22 -17.91
N ALA A 396 -0.26 11.22 -17.09
CA ALA A 396 1.03 11.88 -17.01
C ALA A 396 1.97 11.15 -16.09
N TYR A 397 3.21 10.95 -16.48
CA TYR A 397 4.17 10.20 -15.65
C TYR A 397 4.38 10.91 -14.31
N GLU A 398 4.49 10.14 -13.22
CA GLU A 398 4.81 10.69 -11.89
C GLU A 398 5.92 9.90 -11.25
N ASP A 399 6.93 10.61 -10.79
CA ASP A 399 7.99 9.95 -10.08
C ASP A 399 7.63 9.53 -8.61
N ALA A 400 6.58 10.14 -8.07
CA ALA A 400 6.14 9.92 -6.68
C ALA A 400 4.61 10.05 -6.59
N PRO A 401 3.92 9.09 -7.20
CA PRO A 401 2.50 9.14 -7.16
C PRO A 401 1.99 9.15 -5.70
N VAL A 402 0.95 9.94 -5.51
CA VAL A 402 0.15 10.08 -4.31
C VAL A 402 0.80 10.85 -3.20
N TYR A 403 1.98 10.42 -2.75
CA TYR A 403 2.65 11.01 -1.60
C TYR A 403 4.10 11.38 -1.94
N HIS A 404 4.50 12.50 -1.39
CA HIS A 404 5.76 13.10 -1.59
C HIS A 404 6.59 13.24 -0.32
N ASP A 405 6.05 12.82 0.83
CA ASP A 405 6.76 13.02 2.10
C ASP A 405 6.73 11.72 2.89
N PRO A 406 7.66 10.78 2.66
CA PRO A 406 8.74 10.84 1.69
C PRO A 406 8.17 10.44 0.26
N PRO A 407 8.93 10.71 -0.80
CA PRO A 407 8.50 10.35 -2.14
C PRO A 407 8.16 8.86 -2.27
N SER A 408 6.95 8.58 -2.75
CA SER A 408 6.40 7.26 -2.56
C SER A 408 7.06 6.08 -3.28
N ASN A 409 7.93 6.34 -4.23
CA ASN A 409 8.61 5.26 -4.92
C ASN A 409 10.12 5.24 -4.63
N ASN A 410 10.56 5.97 -3.58
CA ASN A 410 11.94 5.90 -3.17
C ASN A 410 12.28 4.60 -2.41
N TRP A 411 11.40 4.15 -1.55
CA TRP A 411 11.63 2.99 -0.75
C TRP A 411 11.78 1.75 -1.63
N PHE A 412 12.85 1.01 -1.40
CA PHE A 412 13.16 -0.17 -2.16
C PHE A 412 12.13 -1.29 -1.96
N GLY A 413 11.38 -1.26 -0.84
CA GLY A 413 10.29 -2.14 -0.67
C GLY A 413 9.29 -2.05 -1.82
N MET A 414 9.15 -0.84 -2.40
N MET A 414 9.12 -0.85 -2.39
CA MET A 414 8.24 -0.64 -3.52
CA MET A 414 8.24 -0.63 -3.53
C MET A 414 8.79 -1.29 -4.79
C MET A 414 8.79 -1.31 -4.79
N GLN A 415 10.04 -1.75 -4.79
CA GLN A 415 10.53 -2.59 -5.88
C GLN A 415 10.22 -4.05 -5.58
N ALA A 416 10.51 -4.50 -4.37
CA ALA A 416 10.44 -5.91 -4.09
C ALA A 416 9.02 -6.41 -4.19
N TRP A 417 8.14 -5.64 -3.58
CA TRP A 417 6.74 -6.07 -3.51
C TRP A 417 6.11 -6.38 -4.90
N PRO A 418 6.13 -5.41 -5.82
CA PRO A 418 5.56 -5.69 -7.14
C PRO A 418 6.38 -6.70 -7.97
N MET A 419 7.69 -6.68 -7.84
CA MET A 419 8.54 -7.56 -8.66
C MET A 419 8.42 -9.02 -8.19
N GLU A 420 8.09 -9.19 -6.92
CA GLU A 420 7.74 -10.50 -6.44
C GLU A 420 6.59 -11.07 -7.22
N ARG A 421 5.60 -10.22 -7.50
CA ARG A 421 4.32 -10.66 -8.13
C ARG A 421 4.50 -10.84 -9.63
N VAL A 422 5.33 -10.01 -10.24
CA VAL A 422 5.65 -10.25 -11.66
C VAL A 422 6.45 -11.52 -11.86
N ALA A 423 7.38 -11.80 -10.97
CA ALA A 423 7.99 -13.09 -10.93
C ALA A 423 7.01 -14.21 -10.76
N GLU A 424 6.08 -14.08 -9.81
CA GLU A 424 5.02 -15.12 -9.67
C GLU A 424 4.26 -15.37 -11.00
N LEU A 425 3.91 -14.30 -11.68
CA LEU A 425 3.10 -14.36 -12.86
C LEU A 425 3.86 -14.99 -14.06
N TYR A 426 5.15 -14.65 -14.20
CA TYR A 426 6.05 -15.34 -15.14
C TYR A 426 5.94 -16.85 -14.91
N TYR A 427 6.18 -17.26 -13.66
CA TYR A 427 6.03 -18.67 -13.27
C TYR A 427 4.65 -19.27 -13.64
N ILE A 428 3.62 -18.53 -13.30
CA ILE A 428 2.26 -18.99 -13.54
C ILE A 428 2.01 -19.18 -15.04
N PHE A 429 2.33 -18.16 -15.82
CA PHE A 429 2.12 -18.24 -17.27
C PHE A 429 2.81 -19.51 -17.87
N VAL A 430 4.06 -19.69 -17.51
CA VAL A 430 4.85 -20.77 -18.06
C VAL A 430 4.27 -22.09 -17.60
N LYS A 431 3.95 -22.17 -16.33
CA LYS A 431 3.35 -23.38 -15.83
C LYS A 431 1.97 -23.69 -16.47
N ASP A 432 1.23 -22.66 -16.86
CA ASP A 432 -0.01 -22.85 -17.55
C ASP A 432 0.16 -23.08 -19.06
N GLY A 433 1.41 -23.24 -19.54
CA GLY A 433 1.67 -23.56 -20.92
C GLY A 433 1.75 -22.36 -21.84
N ASP A 434 1.96 -21.15 -21.28
CA ASP A 434 2.05 -19.93 -22.10
C ASP A 434 3.47 -19.34 -22.12
N LYS A 435 4.21 -19.63 -23.20
CA LYS A 435 5.49 -19.04 -23.49
C LYS A 435 5.43 -17.97 -24.58
N THR A 436 4.27 -17.75 -25.19
CA THR A 436 4.22 -16.99 -26.40
C THR A 436 3.41 -15.73 -26.35
N SER A 437 2.49 -15.54 -25.41
CA SER A 437 1.67 -14.32 -25.43
C SER A 437 2.50 -13.07 -25.18
N GLU A 438 1.96 -11.95 -25.65
CA GLU A 438 2.52 -10.65 -25.35
C GLU A 438 2.62 -10.51 -23.82
N ASN A 439 1.60 -10.95 -23.11
CA ASN A 439 1.65 -10.83 -21.66
C ASN A 439 2.86 -11.57 -21.02
N VAL A 440 3.09 -12.84 -21.38
CA VAL A 440 4.28 -13.52 -20.74
C VAL A 440 5.58 -12.84 -21.18
N GLN A 441 5.62 -12.34 -22.43
CA GLN A 441 6.85 -11.70 -22.89
C GLN A 441 7.13 -10.41 -22.16
N MET A 442 6.09 -9.62 -21.90
CA MET A 442 6.24 -8.41 -21.08
C MET A 442 6.66 -8.80 -19.67
N ALA A 443 5.93 -9.72 -19.05
CA ALA A 443 6.28 -10.07 -17.67
C ALA A 443 7.71 -10.54 -17.58
N LYS A 444 8.08 -11.40 -18.51
CA LYS A 444 9.37 -11.96 -18.49
C LYS A 444 10.49 -10.93 -18.76
N SER A 445 10.29 -10.08 -19.72
CA SER A 445 11.24 -9.08 -20.03
C SER A 445 11.45 -8.17 -18.81
N CYS A 446 10.35 -7.76 -18.20
CA CYS A 446 10.45 -6.85 -17.04
C CYS A 446 11.21 -7.50 -15.87
N ILE A 447 10.80 -8.70 -15.48
CA ILE A 447 11.42 -9.33 -14.35
C ILE A 447 12.87 -9.73 -14.61
N THR A 448 13.18 -10.16 -15.83
CA THR A 448 14.57 -10.51 -16.19
C THR A 448 15.50 -9.31 -16.06
N LYS A 449 15.05 -8.18 -16.57
CA LYS A 449 15.83 -6.96 -16.38
C LYS A 449 15.93 -6.52 -14.96
N TRP A 450 14.83 -6.70 -14.22
CA TRP A 450 14.81 -6.29 -12.83
C TRP A 450 15.76 -7.13 -11.96
N VAL A 451 15.75 -8.42 -12.17
CA VAL A 451 16.60 -9.29 -11.38
C VAL A 451 18.08 -8.94 -11.60
N ASN A 452 18.47 -8.73 -12.83
CA ASN A 452 19.84 -8.24 -13.18
C ASN A 452 20.20 -7.00 -12.41
N TYR A 453 19.30 -6.04 -12.46
CA TYR A 453 19.45 -4.79 -11.75
C TYR A 453 19.66 -5.01 -10.24
N ALA A 454 18.78 -5.78 -9.63
CA ALA A 454 18.74 -5.86 -8.19
C ALA A 454 19.96 -6.61 -7.66
N LEU A 455 20.48 -7.59 -8.42
CA LEU A 455 21.54 -8.43 -7.90
C LEU A 455 22.81 -7.66 -7.68
N ASP A 456 22.97 -6.50 -8.32
CA ASP A 456 24.16 -5.63 -8.03
C ASP A 456 24.21 -5.07 -6.66
N TYR A 457 23.08 -5.05 -5.96
CA TYR A 457 23.01 -4.41 -4.62
C TYR A 457 22.62 -5.33 -3.46
N ILE A 458 22.75 -6.62 -3.65
CA ILE A 458 22.43 -7.62 -2.66
C ILE A 458 23.73 -8.21 -2.14
N PHE A 459 23.92 -8.24 -0.85
CA PHE A 459 25.21 -8.62 -0.29
C PHE A 459 24.96 -9.60 0.83
N ILE A 460 25.60 -10.77 0.71
CA ILE A 460 25.49 -11.80 1.67
C ILE A 460 26.89 -12.22 2.08
N GLY A 461 27.21 -12.00 3.35
CA GLY A 461 28.49 -12.35 3.89
C GLY A 461 29.54 -11.30 3.56
N SER A 462 29.09 -10.14 3.05
N SER A 462 29.09 -10.12 3.12
CA SER A 462 29.97 -9.03 2.69
CA SER A 462 29.96 -9.04 2.74
C SER A 462 29.19 -7.79 2.98
C SER A 462 29.18 -7.79 3.01
N ARG A 463 29.89 -6.70 3.26
CA ARG A 463 29.32 -5.46 3.60
C ARG A 463 29.68 -4.49 2.51
N PRO A 464 28.65 -3.85 1.89
CA PRO A 464 28.99 -2.92 0.85
C PRO A 464 29.63 -1.70 1.46
N VAL A 465 30.46 -1.04 0.67
CA VAL A 465 30.97 0.25 1.05
C VAL A 465 30.06 1.38 0.62
N SER A 466 29.79 2.34 1.50
CA SER A 466 28.90 3.44 1.20
C SER A 466 29.40 4.70 1.86
N ASP A 467 29.02 5.84 1.34
CA ASP A 467 29.43 7.08 1.96
C ASP A 467 28.38 7.58 2.98
N GLU A 468 28.71 8.69 3.58
CA GLU A 468 27.93 9.22 4.67
C GLU A 468 26.59 9.76 4.16
N GLU A 469 26.45 9.97 2.85
CA GLU A 469 25.15 10.35 2.24
C GLU A 469 24.33 9.17 1.69
N GLY A 470 24.82 7.94 1.88
CA GLY A 470 24.08 6.78 1.48
C GLY A 470 24.43 6.22 0.12
N TYR A 471 25.32 6.87 -0.63
CA TYR A 471 25.68 6.35 -1.94
C TYR A 471 26.55 5.11 -1.84
N PHE A 472 26.30 4.13 -2.70
CA PHE A 472 27.23 3.00 -2.85
C PHE A 472 28.50 3.50 -3.53
N LEU A 473 29.65 3.00 -3.07
CA LEU A 473 30.94 3.35 -3.76
C LEU A 473 31.53 2.17 -4.44
N ASP A 474 32.24 2.44 -5.53
CA ASP A 474 33.00 1.44 -6.24
C ASP A 474 34.42 1.23 -5.66
N ASP A 475 35.18 0.34 -6.25
CA ASP A 475 36.53 0.02 -5.71
C ASP A 475 37.50 1.20 -5.72
N GLN A 476 37.23 2.21 -6.54
CA GLN A 476 38.04 3.44 -6.58
C GLN A 476 37.46 4.53 -5.69
N GLY A 477 36.45 4.22 -4.88
CA GLY A 477 35.86 5.27 -4.02
C GLY A 477 34.87 6.25 -4.68
N ARG A 478 34.45 5.98 -5.91
CA ARG A 478 33.48 6.86 -6.59
C ARG A 478 32.05 6.44 -6.30
N ARG A 479 31.20 7.42 -6.14
CA ARG A 479 29.78 7.20 -6.10
C ARG A 479 29.26 6.45 -7.36
N ILE A 480 28.41 5.46 -7.13
CA ILE A 480 27.76 4.72 -8.21
C ILE A 480 26.38 5.31 -8.40
N LEU A 481 26.20 6.01 -9.51
CA LEU A 481 25.01 6.80 -9.78
C LEU A 481 24.19 6.15 -10.87
N GLY A 482 23.60 5.02 -10.52
CA GLY A 482 22.85 4.19 -11.46
C GLY A 482 23.74 3.50 -12.46
N GLY A 483 23.12 3.10 -13.56
CA GLY A 483 23.79 2.40 -14.65
C GLY A 483 23.82 0.91 -14.43
N THR A 484 23.96 0.21 -15.55
CA THR A 484 24.05 -1.21 -15.52
C THR A 484 25.46 -1.55 -15.07
N ASN A 485 25.66 -2.81 -14.76
CA ASN A 485 27.00 -3.28 -14.42
C ASN A 485 27.59 -2.46 -13.28
N ALA A 486 26.83 -2.30 -12.21
CA ALA A 486 27.29 -1.49 -11.07
C ALA A 486 28.19 -2.40 -10.26
N THR A 487 29.41 -1.96 -9.94
CA THR A 487 30.32 -2.79 -9.12
C THR A 487 30.59 -2.22 -7.76
N VAL A 488 29.78 -2.63 -6.78
CA VAL A 488 29.91 -2.04 -5.48
C VAL A 488 31.14 -2.64 -4.74
N ALA A 489 31.95 -1.77 -4.11
CA ALA A 489 33.07 -2.28 -3.28
C ALA A 489 32.47 -2.92 -2.05
N THR A 490 33.10 -3.98 -1.57
CA THR A 490 32.70 -4.66 -0.36
C THR A 490 33.90 -5.04 0.51
N THR A 491 33.60 -5.25 1.79
CA THR A 491 34.49 -5.91 2.77
C THR A 491 33.86 -7.20 3.28
N SER A 492 34.70 -8.12 3.74
CA SER A 492 34.25 -9.39 4.24
C SER A 492 33.50 -9.16 5.55
N ALA A 493 32.35 -9.80 5.65
CA ALA A 493 31.44 -9.60 6.78
C ALA A 493 30.59 -10.87 6.97
N PRO A 494 31.24 -11.98 7.40
CA PRO A 494 30.51 -13.25 7.49
C PRO A 494 29.29 -13.11 8.40
N GLY A 495 28.22 -13.79 8.03
CA GLY A 495 26.90 -13.64 8.68
C GLY A 495 26.03 -12.36 8.48
N GLU A 496 26.57 -11.31 7.86
CA GLU A 496 25.77 -10.11 7.52
C GLU A 496 25.05 -10.23 6.15
N PHE A 497 23.97 -9.47 6.00
CA PHE A 497 23.34 -9.21 4.70
C PHE A 497 23.02 -7.70 4.61
N TRP A 498 23.00 -7.22 3.38
CA TRP A 498 22.67 -5.87 3.09
C TRP A 498 21.85 -5.83 1.80
N LEU A 499 20.84 -4.96 1.85
CA LEU A 499 19.94 -4.72 0.71
C LEU A 499 19.92 -3.22 0.49
N PRO A 500 19.55 -2.82 -0.70
CA PRO A 500 19.30 -1.40 -0.93
C PRO A 500 18.06 -0.90 -0.19
N GLY A 501 18.12 0.34 0.27
CA GLY A 501 17.09 0.99 1.06
C GLY A 501 16.14 1.89 0.26
N ASN A 502 16.72 2.63 -0.66
CA ASN A 502 16.00 3.66 -1.42
C ASN A 502 16.63 3.82 -2.80
N ILE A 503 15.89 4.52 -3.65
CA ILE A 503 16.27 4.89 -4.99
C ILE A 503 16.00 6.38 -5.03
N ALA A 504 16.93 7.11 -5.64
CA ALA A 504 16.71 8.49 -6.04
C ALA A 504 16.45 8.49 -7.57
N TRP A 505 15.32 9.03 -7.98
CA TRP A 505 14.89 8.99 -9.38
C TRP A 505 15.22 10.30 -10.07
N SER A 506 15.56 10.20 -11.36
CA SER A 506 15.57 11.41 -12.20
C SER A 506 15.18 11.00 -13.65
N GLY A 507 14.69 12.01 -14.37
CA GLY A 507 14.37 11.86 -15.74
C GLY A 507 12.94 11.33 -15.91
N GLN A 508 12.67 10.80 -17.07
CA GLN A 508 11.30 10.30 -17.40
C GLN A 508 11.41 9.11 -18.32
N PRO A 509 10.46 8.18 -18.25
CA PRO A 509 10.35 7.25 -19.39
C PRO A 509 9.91 7.97 -20.60
N ASP A 510 10.18 7.42 -21.74
CA ASP A 510 9.59 7.94 -22.97
C ASP A 510 8.10 7.61 -22.99
N THR A 511 7.33 8.47 -23.65
CA THR A 511 5.91 8.19 -23.83
C THR A 511 5.64 6.76 -24.36
N TRP A 512 4.62 6.14 -23.80
CA TRP A 512 4.29 4.74 -24.18
C TRP A 512 3.67 4.67 -25.56
N ASN A 513 4.24 3.81 -26.38
CA ASN A 513 3.67 3.49 -27.66
C ASN A 513 3.40 2.04 -27.91
N GLY A 514 3.38 1.21 -26.88
CA GLY A 514 3.32 -0.24 -27.06
C GLY A 514 4.66 -0.91 -26.81
N PHE A 515 4.57 -2.19 -26.47
CA PHE A 515 5.72 -3.06 -26.21
C PHE A 515 6.66 -3.24 -27.36
N GLN A 516 6.12 -3.29 -28.57
CA GLN A 516 6.95 -3.38 -29.78
C GLN A 516 7.80 -2.13 -30.06
N SER A 517 7.49 -0.99 -29.41
CA SER A 517 8.18 0.26 -29.65
C SER A 517 8.90 0.77 -28.43
N ALA A 518 8.93 -0.02 -27.40
CA ALA A 518 9.59 0.37 -26.17
C ALA A 518 11.05 0.82 -26.50
N THR A 519 11.51 1.88 -25.88
CA THR A 519 12.78 2.47 -26.19
C THR A 519 13.92 2.03 -25.26
N GLY A 520 13.59 1.41 -24.15
CA GLY A 520 14.53 1.16 -23.08
C GLY A 520 14.73 2.34 -22.12
N ASN A 521 13.96 3.42 -22.28
CA ASN A 521 14.05 4.61 -21.42
C ASN A 521 15.46 5.12 -21.01
N PRO A 522 16.21 5.50 -22.02
CA PRO A 522 17.57 5.91 -21.77
C PRO A 522 17.70 7.18 -20.91
N ASN A 523 16.63 7.95 -20.78
CA ASN A 523 16.62 9.15 -19.91
C ASN A 523 15.92 9.01 -18.59
N LEU A 524 15.73 7.76 -18.15
CA LEU A 524 15.13 7.46 -16.89
C LEU A 524 16.15 6.73 -16.04
N THR A 525 16.47 7.32 -14.90
CA THR A 525 17.58 6.84 -14.06
C THR A 525 17.19 6.60 -12.63
N ALA A 526 17.48 5.41 -12.15
CA ALA A 526 17.38 5.04 -10.76
C ALA A 526 18.79 5.04 -10.16
N VAL A 527 19.05 5.86 -9.15
CA VAL A 527 20.27 5.74 -8.36
C VAL A 527 19.89 5.00 -7.11
N THR A 528 20.48 3.82 -6.88
CA THR A 528 20.15 2.95 -5.78
C THR A 528 21.06 3.34 -4.65
N LYS A 529 20.53 3.39 -3.44
CA LYS A 529 21.23 3.89 -2.26
C LYS A 529 20.82 3.21 -0.94
N ASP A 530 21.48 3.65 0.14
CA ASP A 530 21.03 3.44 1.52
C ASP A 530 21.01 1.98 1.91
N PRO A 531 22.18 1.35 1.95
CA PRO A 531 22.24 -0.05 2.37
C PRO A 531 21.61 -0.28 3.77
N THR A 532 20.73 -1.27 3.88
CA THR A 532 20.04 -1.60 5.12
C THR A 532 19.86 -3.07 5.33
N GLN A 533 19.28 -3.45 6.48
CA GLN A 533 18.97 -4.83 6.78
C GLN A 533 17.46 -5.15 7.00
N ASP A 534 16.59 -4.60 6.19
CA ASP A 534 15.14 -4.84 6.32
C ASP A 534 14.78 -6.29 6.01
N THR A 535 14.34 -7.04 7.01
CA THR A 535 14.03 -8.46 6.83
C THR A 535 12.72 -8.72 6.10
N GLY A 536 11.84 -7.74 6.13
CA GLY A 536 10.61 -7.76 5.34
C GLY A 536 10.93 -7.70 3.86
N VAL A 537 11.79 -6.74 3.53
CA VAL A 537 12.19 -6.62 2.14
C VAL A 537 12.97 -7.92 1.75
N LEU A 538 13.85 -8.46 2.66
CA LEU A 538 14.55 -9.69 2.28
C LEU A 538 13.56 -10.78 1.91
N GLY A 539 12.53 -10.93 2.72
CA GLY A 539 11.59 -11.99 2.45
C GLY A 539 10.87 -11.84 1.14
N SER A 540 10.53 -10.60 0.79
CA SER A 540 9.83 -10.35 -0.46
C SER A 540 10.80 -10.63 -1.64
N LEU A 541 11.99 -10.09 -1.55
CA LEU A 541 13.04 -10.36 -2.55
C LEU A 541 13.32 -11.85 -2.77
N VAL A 542 13.47 -12.59 -1.69
CA VAL A 542 13.73 -14.01 -1.82
C VAL A 542 12.66 -14.68 -2.68
N LYS A 543 11.39 -14.34 -2.42
CA LYS A 543 10.31 -14.88 -3.22
C LYS A 543 10.39 -14.43 -4.70
N ALA A 544 10.80 -13.20 -4.96
CA ALA A 544 10.91 -12.75 -6.31
C ALA A 544 11.96 -13.62 -7.04
N PHE A 545 13.11 -13.78 -6.41
CA PHE A 545 14.20 -14.58 -6.96
C PHE A 545 13.82 -16.06 -7.12
N THR A 546 13.05 -16.55 -6.17
CA THR A 546 12.66 -17.95 -6.15
C THR A 546 11.68 -18.27 -7.26
N PHE A 547 10.63 -17.43 -7.40
CA PHE A 547 9.68 -17.68 -8.44
C PHE A 547 10.32 -17.49 -9.83
N PHE A 548 11.16 -16.49 -9.95
CA PHE A 548 11.80 -16.19 -11.22
C PHE A 548 12.66 -17.44 -11.59
N ALA A 549 13.51 -17.89 -10.66
CA ALA A 549 14.35 -19.08 -10.97
C ALA A 549 13.52 -20.25 -11.44
N ALA A 550 12.48 -20.48 -10.69
CA ALA A 550 11.62 -21.59 -10.93
C ALA A 550 10.99 -21.49 -12.27
N ALA A 551 10.59 -20.27 -12.66
CA ALA A 551 9.97 -20.06 -13.97
C ALA A 551 10.98 -20.38 -15.07
N THR A 552 12.23 -19.99 -14.88
CA THR A 552 13.21 -20.18 -15.95
C THR A 552 13.45 -21.66 -16.20
N LYS A 553 13.36 -22.47 -15.16
CA LYS A 553 13.50 -23.90 -15.32
C LYS A 553 12.27 -24.57 -15.92
N LEU A 554 11.09 -24.11 -15.57
CA LEU A 554 9.92 -24.61 -16.30
C LEU A 554 9.97 -24.22 -17.78
N GLU A 555 10.46 -23.03 -18.08
CA GLU A 555 10.44 -22.55 -19.47
C GLU A 555 11.42 -23.35 -20.33
N THR A 556 12.64 -23.58 -19.79
CA THR A 556 13.76 -24.07 -20.56
C THR A 556 14.25 -25.49 -20.20
N GLY A 557 13.84 -26.02 -19.03
CA GLY A 557 14.28 -27.34 -18.56
C GLY A 557 15.38 -27.25 -17.52
N ASN A 558 16.05 -26.09 -17.40
CA ASN A 558 17.07 -25.82 -16.46
C ASN A 558 17.04 -24.36 -16.06
N TYR A 559 17.67 -24.09 -14.94
CA TYR A 559 17.85 -22.74 -14.49
C TYR A 559 18.75 -22.08 -15.53
N THR A 560 18.33 -20.91 -15.96
CA THR A 560 19.08 -20.15 -16.92
C THR A 560 20.23 -19.54 -16.17
N ALA A 561 21.09 -18.81 -16.85
CA ALA A 561 22.22 -18.16 -16.20
C ALA A 561 21.79 -17.29 -15.04
N LEU A 562 20.85 -16.40 -15.31
CA LEU A 562 20.33 -15.54 -14.30
C LEU A 562 19.41 -16.28 -13.34
N GLY A 563 18.69 -17.29 -13.83
CA GLY A 563 17.94 -18.17 -12.94
C GLY A 563 18.81 -18.79 -11.86
N VAL A 564 20.02 -19.18 -12.21
CA VAL A 564 20.94 -19.78 -11.30
C VAL A 564 21.39 -18.77 -10.27
N ARG A 565 21.69 -17.57 -10.73
CA ARG A 565 22.15 -16.55 -9.81
C ARG A 565 21.04 -16.14 -8.80
N ALA A 566 19.80 -16.10 -9.30
CA ALA A 566 18.65 -15.70 -8.49
C ALA A 566 18.36 -16.80 -7.47
N LYS A 567 18.39 -18.06 -7.91
CA LYS A 567 18.26 -19.21 -7.00
C LYS A 567 19.32 -19.17 -5.87
N ASP A 568 20.56 -18.91 -6.20
CA ASP A 568 21.62 -18.90 -5.23
C ASP A 568 21.49 -17.70 -4.30
N ALA A 569 21.10 -16.55 -4.83
CA ALA A 569 20.85 -15.39 -3.96
C ALA A 569 19.71 -15.69 -2.99
N ALA A 570 18.63 -16.35 -3.47
CA ALA A 570 17.49 -16.69 -2.61
C ALA A 570 17.99 -17.59 -1.47
N ALA A 571 18.73 -18.62 -1.84
CA ALA A 571 19.19 -19.62 -0.86
C ALA A 571 20.14 -19.02 0.11
N GLN A 572 21.02 -18.16 -0.34
CA GLN A 572 21.96 -17.51 0.55
C GLN A 572 21.29 -16.53 1.49
N LEU A 573 20.32 -15.76 0.98
CA LEU A 573 19.58 -14.83 1.83
C LEU A 573 18.85 -15.61 2.93
N LEU A 574 18.19 -16.72 2.56
CA LEU A 574 17.48 -17.52 3.53
C LEU A 574 18.38 -18.04 4.65
N GLU A 575 19.61 -18.43 4.31
CA GLU A 575 20.53 -19.05 5.26
C GLU A 575 21.07 -18.01 6.24
N VAL A 576 21.51 -16.85 5.73
CA VAL A 576 21.98 -15.85 6.60
C VAL A 576 20.83 -15.26 7.49
N ALA A 577 19.62 -15.19 6.93
CA ALA A 577 18.47 -14.59 7.61
C ALA A 577 18.09 -15.38 8.84
N TRP A 578 18.31 -16.68 8.79
CA TRP A 578 17.92 -17.55 9.91
C TRP A 578 18.62 -17.18 11.21
N ASN A 579 19.85 -16.73 11.15
N ASN A 579 19.88 -16.74 11.14
CA ASN A 579 20.56 -16.29 12.34
CA ASN A 579 20.63 -16.28 12.32
C ASN A 579 19.94 -15.09 13.05
C ASN A 579 20.12 -14.96 12.94
N TYR A 580 19.08 -14.35 12.37
CA TYR A 580 18.44 -13.18 12.95
C TYR A 580 17.11 -13.50 13.57
N ASN A 581 16.70 -14.76 13.57
CA ASN A 581 15.57 -15.16 14.38
C ASN A 581 15.87 -14.96 15.87
N ASP A 582 15.07 -14.14 16.53
CA ASP A 582 15.17 -13.94 17.98
C ASP A 582 14.22 -14.82 18.74
N GLY A 583 13.55 -15.73 18.09
CA GLY A 583 12.57 -16.55 18.77
C GLY A 583 11.13 -16.07 18.63
N VAL A 584 10.98 -14.81 18.19
CA VAL A 584 9.68 -14.22 17.93
C VAL A 584 9.53 -13.82 16.44
N GLY A 585 10.59 -13.24 15.88
CA GLY A 585 10.69 -12.99 14.44
C GLY A 585 12.12 -12.86 13.98
N ILE A 586 12.26 -12.82 12.65
CA ILE A 586 13.57 -12.57 12.06
C ILE A 586 13.74 -11.08 11.98
N VAL A 587 14.69 -10.53 12.76
CA VAL A 587 14.69 -9.12 12.96
C VAL A 587 16.06 -8.53 13.02
N THR A 588 16.12 -7.22 12.81
CA THR A 588 17.37 -6.46 12.90
C THR A 588 17.07 -5.13 13.47
N GLU A 589 18.11 -4.51 13.97
CA GLU A 589 18.02 -3.21 14.50
C GLU A 589 17.91 -2.14 13.38
N GLU A 590 17.14 -1.04 13.57
CA GLU A 590 17.00 0.03 12.57
C GLU A 590 17.09 1.36 13.22
N GLU A 591 17.68 2.30 12.53
CA GLU A 591 17.76 3.69 13.02
C GLU A 591 16.60 4.44 12.47
N ARG A 592 15.97 5.26 13.27
CA ARG A 592 14.81 6.06 12.83
C ARG A 592 15.08 7.55 13.06
N GLU A 593 15.88 8.11 12.17
CA GLU A 593 16.16 9.58 12.14
C GLU A 593 14.92 10.43 11.92
N ASP A 594 13.88 9.82 11.40
CA ASP A 594 12.63 10.51 11.19
C ASP A 594 11.84 10.78 12.45
N TYR A 595 12.27 10.18 13.56
CA TYR A 595 11.51 10.24 14.82
C TYR A 595 11.60 11.57 15.57
N ASP A 596 12.33 12.54 15.04
CA ASP A 596 12.15 13.90 15.44
C ASP A 596 10.77 14.39 15.10
N ARG A 597 10.09 13.77 14.12
CA ARG A 597 8.72 14.21 13.72
C ARG A 597 7.58 13.82 14.69
N PHE A 598 7.85 13.00 15.70
CA PHE A 598 6.96 12.93 16.85
C PHE A 598 6.76 14.28 17.53
N PHE A 599 7.78 15.13 17.47
CA PHE A 599 7.88 16.35 18.28
C PHE A 599 7.73 17.62 17.49
N LYS A 600 8.08 17.59 16.21
CA LYS A 600 8.02 18.77 15.38
C LYS A 600 6.60 19.32 15.26
N LYS A 601 6.49 20.64 15.30
CA LYS A 601 5.19 21.25 15.10
C LYS A 601 4.89 21.45 13.61
N GLU A 602 4.16 20.48 13.08
CA GLU A 602 3.84 20.39 11.69
C GLU A 602 2.51 19.73 11.41
N VAL A 603 1.65 19.60 12.43
CA VAL A 603 0.29 19.11 12.17
C VAL A 603 -0.68 20.29 12.01
N TYR A 604 -1.21 20.45 10.81
CA TYR A 604 -1.98 21.66 10.48
C TYR A 604 -3.41 21.60 10.95
N PHE A 605 -3.89 22.71 11.48
CA PHE A 605 -5.32 22.89 11.72
C PHE A 605 -5.64 24.29 11.17
N PRO A 606 -6.83 24.46 10.57
CA PRO A 606 -7.25 25.74 10.01
C PRO A 606 -7.58 26.71 11.14
N ASN A 607 -7.56 28.01 10.82
CA ASN A 607 -7.99 28.98 11.77
C ASN A 607 -9.47 28.75 12.10
N GLY A 608 -9.79 29.10 13.35
CA GLY A 608 -11.15 29.12 13.80
C GLY A 608 -11.71 27.74 14.01
N TRP A 609 -10.87 26.72 14.10
CA TRP A 609 -11.33 25.38 14.28
C TRP A 609 -10.79 24.85 15.62
N ASN A 610 -11.72 24.53 16.52
N ASN A 610 -11.72 24.41 16.46
CA ASN A 610 -11.42 23.87 17.81
CA ASN A 610 -11.39 23.85 17.74
C ASN A 610 -12.35 22.67 17.95
C ASN A 610 -12.37 22.71 18.07
N GLY A 611 -11.84 21.58 18.49
CA GLY A 611 -12.67 20.45 18.76
C GLY A 611 -12.00 19.50 19.72
N THR A 612 -12.57 18.30 19.86
CA THR A 612 -12.08 17.33 20.80
C THR A 612 -11.58 16.08 20.03
N PHE A 613 -10.38 15.66 20.38
CA PHE A 613 -9.74 14.50 19.81
C PHE A 613 -10.28 13.27 20.52
N GLY A 614 -10.10 12.12 19.89
CA GLY A 614 -10.54 10.87 20.46
C GLY A 614 -10.04 10.67 21.86
N GLN A 615 -8.79 11.07 22.11
CA GLN A 615 -8.20 10.86 23.41
C GLN A 615 -8.65 11.87 24.48
N GLY A 616 -9.59 12.75 24.11
CA GLY A 616 -10.15 13.70 25.02
C GLY A 616 -9.60 15.10 25.05
N ASN A 617 -8.46 15.30 24.40
CA ASN A 617 -7.76 16.58 24.43
C ASN A 617 -8.38 17.54 23.40
N GLN A 618 -8.44 18.80 23.76
CA GLN A 618 -8.78 19.87 22.84
C GLN A 618 -7.69 20.06 21.75
N ILE A 619 -8.12 20.21 20.52
CA ILE A 619 -7.22 20.29 19.38
C ILE A 619 -7.68 21.46 18.54
N PRO A 620 -6.78 22.24 18.00
CA PRO A 620 -5.36 22.04 18.13
C PRO A 620 -4.76 22.28 19.52
N GLY A 621 -5.49 22.96 20.38
CA GLY A 621 -4.96 23.31 21.66
C GLY A 621 -3.99 24.50 21.57
N SER A 622 -3.31 24.74 22.66
CA SER A 622 -2.40 25.85 22.84
C SER A 622 -0.99 25.59 22.40
N SER A 623 -0.61 24.35 22.14
CA SER A 623 0.79 24.09 21.88
C SER A 623 1.02 24.13 20.36
N THR A 624 1.07 25.35 19.80
CA THR A 624 1.06 25.56 18.40
C THR A 624 2.01 26.62 17.95
N ILE A 625 2.30 26.61 16.66
CA ILE A 625 2.94 27.73 15.96
C ILE A 625 2.10 28.06 14.75
N PRO A 626 2.26 29.27 14.19
CA PRO A 626 1.46 29.66 13.03
C PRO A 626 1.91 28.82 11.84
N SER A 627 0.99 28.49 10.92
CA SER A 627 1.40 27.75 9.72
C SER A 627 2.33 28.63 8.83
N ASP A 628 3.08 27.97 7.97
CA ASP A 628 3.97 28.61 7.04
C ASP A 628 3.20 29.27 5.90
N PRO A 629 3.30 30.61 5.79
CA PRO A 629 2.60 31.37 4.74
C PRO A 629 2.89 30.89 3.34
N GLN A 630 4.07 30.38 3.13
CA GLN A 630 4.43 29.81 1.84
C GLN A 630 3.67 28.54 1.42
N ARG A 631 3.05 27.86 2.34
CA ARG A 631 2.22 26.71 2.00
C ARG A 631 0.82 27.05 1.77
N GLY A 632 0.51 28.33 1.84
CA GLY A 632 -0.74 28.88 1.41
C GLY A 632 -1.96 28.69 2.32
N GLY A 633 -1.77 28.33 3.58
CA GLY A 633 -2.90 28.20 4.52
C GLY A 633 -2.97 29.39 5.42
N ASN A 634 -3.84 29.31 6.43
CA ASN A 634 -3.69 30.16 7.59
C ASN A 634 -4.41 29.58 8.79
N GLY A 635 -3.57 29.06 9.64
CA GLY A 635 -3.92 28.11 10.64
C GLY A 635 -2.67 27.93 11.42
N VAL A 636 -2.58 26.80 12.04
CA VAL A 636 -1.53 26.55 13.01
C VAL A 636 -0.98 25.14 12.83
N TYR A 637 0.20 24.87 13.38
CA TYR A 637 0.69 23.56 13.55
C TYR A 637 0.81 23.16 14.99
N THR A 638 0.34 21.96 15.34
CA THR A 638 0.67 21.32 16.63
C THR A 638 1.60 20.13 16.35
N SER A 639 2.01 19.35 17.37
CA SER A 639 2.89 18.22 17.11
C SER A 639 2.11 16.92 17.13
N PHE A 640 2.69 15.88 16.53
CA PHE A 640 2.17 14.52 16.54
C PHE A 640 1.88 14.09 17.98
N ALA A 641 2.87 14.35 18.84
CA ALA A 641 2.73 13.98 20.25
C ALA A 641 1.74 14.77 21.06
N ASP A 642 1.61 16.06 20.85
CA ASP A 642 0.55 16.86 21.48
C ASP A 642 -0.83 16.40 21.03
N LEU A 643 -0.98 16.06 19.77
CA LEU A 643 -2.29 15.61 19.28
C LEU A 643 -2.71 14.27 19.92
N ARG A 644 -1.75 13.48 20.36
CA ARG A 644 -1.97 12.12 20.83
C ARG A 644 -1.37 11.94 22.21
N PRO A 645 -1.98 12.58 23.24
CA PRO A 645 -1.33 12.59 24.55
C PRO A 645 -1.13 11.25 25.16
N ASN A 646 -1.98 10.26 24.83
CA ASN A 646 -1.77 8.94 25.37
C ASN A 646 -0.51 8.26 24.92
N ILE A 647 0.16 8.77 23.90
CA ILE A 647 1.42 8.24 23.50
C ILE A 647 2.46 8.36 24.60
N LYS A 648 2.26 9.37 25.49
CA LYS A 648 3.18 9.55 26.64
C LYS A 648 3.07 8.47 27.67
N GLN A 649 2.02 7.69 27.58
CA GLN A 649 1.86 6.52 28.40
C GLN A 649 2.56 5.32 27.80
N ASP A 650 3.13 5.38 26.61
CA ASP A 650 3.76 4.18 26.02
C ASP A 650 5.07 3.86 26.77
N PRO A 651 5.38 2.56 26.98
CA PRO A 651 6.58 2.22 27.75
C PRO A 651 7.84 2.65 27.09
N ALA A 652 7.82 2.78 25.79
CA ALA A 652 8.99 3.26 25.09
C ALA A 652 9.07 4.78 24.98
N TRP A 653 8.05 5.49 25.44
CA TRP A 653 8.05 6.94 25.21
C TRP A 653 9.23 7.64 25.93
N SER A 654 9.40 7.34 27.22
CA SER A 654 10.56 7.88 27.98
C SER A 654 11.84 7.87 27.25
N SER A 655 12.23 6.71 26.81
CA SER A 655 13.55 6.63 26.26
C SER A 655 13.61 7.39 24.92
N LEU A 656 12.51 7.37 24.14
CA LEU A 656 12.49 8.20 22.92
C LEU A 656 12.67 9.67 23.28
N GLU A 657 11.87 10.17 24.22
CA GLU A 657 11.96 11.62 24.51
C GLU A 657 13.37 12.00 25.06
N SER A 658 13.95 11.12 25.85
CA SER A 658 15.25 11.35 26.40
C SER A 658 16.32 11.41 25.30
N LYS A 659 16.21 10.50 24.34
CA LYS A 659 17.08 10.50 23.14
C LYS A 659 16.96 11.73 22.26
N TYR A 660 15.74 12.16 22.01
CA TYR A 660 15.48 13.43 21.36
C TYR A 660 16.13 14.61 22.12
N GLN A 661 15.93 14.65 23.43
CA GLN A 661 16.53 15.70 24.26
C GLN A 661 18.02 15.71 24.24
N SER A 662 18.61 14.54 24.31
CA SER A 662 20.00 14.44 24.42
C SER A 662 20.70 14.40 23.08
N SER A 663 20.02 14.28 21.93
CA SER A 663 20.74 14.09 20.65
C SER A 663 20.26 14.94 19.51
N PHE A 664 18.99 15.35 19.47
CA PHE A 664 18.50 16.06 18.30
C PHE A 664 18.73 17.54 18.54
N ASN A 665 19.28 18.16 17.51
CA ASN A 665 19.50 19.59 17.45
C ASN A 665 18.43 20.20 16.63
N GLU A 666 17.51 20.86 17.33
CA GLU A 666 16.38 21.55 16.70
C GLU A 666 16.79 22.66 15.76
N ALA A 667 17.96 23.26 16.00
CA ALA A 667 18.49 24.30 15.10
C ALA A 667 18.96 23.74 13.74
N THR A 668 19.83 22.76 13.74
CA THR A 668 20.32 22.23 12.47
C THR A 668 19.38 21.22 11.84
N GLY A 669 18.55 20.60 12.67
CA GLY A 669 17.61 19.58 12.24
C GLY A 669 18.28 18.24 12.19
N LYS A 670 19.30 18.04 13.00
CA LYS A 670 20.12 16.86 12.92
C LYS A 670 20.28 16.16 14.24
N TRP A 671 20.38 14.84 14.13
CA TRP A 671 20.70 13.99 15.26
C TRP A 671 22.21 14.08 15.44
N GLU A 672 22.70 14.54 16.57
CA GLU A 672 24.20 14.66 16.76
C GLU A 672 24.88 13.53 17.48
N ASN A 673 24.11 12.78 18.25
CA ASN A 673 24.67 11.78 19.10
C ASN A 673 24.01 10.45 18.95
N GLY A 674 23.64 10.11 17.73
CA GLY A 674 22.91 8.88 17.49
C GLY A 674 21.42 9.14 17.32
N ALA A 675 20.82 8.48 16.33
CA ALA A 675 19.41 8.50 16.13
C ALA A 675 18.78 7.37 16.95
N PRO A 676 17.47 7.50 17.25
CA PRO A 676 16.78 6.42 17.93
C PRO A 676 16.90 5.07 17.18
N VAL A 677 17.02 4.02 17.94
CA VAL A 677 17.20 2.73 17.41
C VAL A 677 16.09 1.80 17.90
N PHE A 678 15.63 0.91 17.03
CA PHE A 678 14.55 0.00 17.39
C PHE A 678 14.73 -1.32 16.74
N THR A 679 14.13 -2.34 17.34
CA THR A 679 14.08 -3.68 16.72
C THR A 679 12.60 -4.08 16.66
N TYR A 680 12.02 -4.07 15.48
CA TYR A 680 10.57 -4.21 15.34
C TYR A 680 10.18 -5.59 14.79
N HIS A 681 9.04 -6.10 15.25
CA HIS A 681 8.45 -7.36 14.78
C HIS A 681 7.17 -6.97 14.04
N ARG A 682 7.30 -6.65 12.76
CA ARG A 682 6.15 -6.27 11.92
C ARG A 682 5.49 -7.49 11.41
N PHE A 683 4.16 -7.54 11.47
CA PHE A 683 3.43 -8.66 10.92
C PHE A 683 3.75 -8.97 9.42
N TRP A 684 3.56 -7.98 8.54
CA TRP A 684 3.78 -8.19 7.11
C TRP A 684 5.22 -8.72 6.91
N SER A 685 6.18 -8.15 7.62
CA SER A 685 7.55 -8.48 7.43
C SER A 685 7.79 -9.96 7.79
N GLN A 686 7.23 -10.41 8.90
CA GLN A 686 7.45 -11.79 9.36
C GLN A 686 6.77 -12.79 8.45
N VAL A 687 5.65 -12.40 7.87
CA VAL A 687 4.96 -13.18 6.85
C VAL A 687 5.73 -13.22 5.57
N ASP A 688 6.29 -12.09 5.16
CA ASP A 688 7.14 -12.12 3.97
C ASP A 688 8.35 -13.11 4.20
N MET A 689 8.98 -13.05 5.39
CA MET A 689 10.00 -14.06 5.73
C MET A 689 9.52 -15.52 5.78
N ALA A 690 8.41 -15.78 6.45
CA ALA A 690 7.91 -17.14 6.56
C ALA A 690 7.61 -17.67 5.22
N THR A 691 6.86 -16.89 4.42
CA THR A 691 6.47 -17.34 3.10
C THR A 691 7.67 -17.52 2.16
N ALA A 692 8.75 -16.81 2.42
CA ALA A 692 9.96 -16.98 1.62
C ALA A 692 10.54 -18.44 1.82
N TYR A 693 10.66 -18.87 3.06
CA TYR A 693 11.12 -20.27 3.34
C TYR A 693 10.18 -21.29 2.73
N ALA A 694 8.90 -21.03 2.86
CA ALA A 694 7.90 -21.95 2.36
C ALA A 694 7.97 -22.16 0.84
N GLU A 695 8.02 -21.05 0.13
CA GLU A 695 8.00 -21.12 -1.32
C GLU A 695 9.32 -21.61 -1.89
N TYR A 696 10.45 -21.31 -1.26
CA TYR A 696 11.68 -21.94 -1.67
C TYR A 696 11.55 -23.46 -1.56
N HIS A 697 11.03 -23.95 -0.44
CA HIS A 697 10.80 -25.36 -0.33
C HIS A 697 9.87 -25.90 -1.43
N ARG A 698 8.78 -25.20 -1.70
CA ARG A 698 7.80 -25.68 -2.65
C ARG A 698 8.28 -25.68 -4.11
N LEU A 699 9.01 -24.64 -4.53
CA LEU A 699 9.30 -24.43 -5.92
C LEU A 699 10.70 -24.94 -6.31
N ILE A 700 11.64 -24.95 -5.38
CA ILE A 700 13.04 -25.25 -5.65
C ILE A 700 13.43 -26.63 -5.03
N ASN A 701 13.29 -26.81 -3.71
CA ASN A 701 13.52 -28.13 -3.05
C ASN A 701 12.58 -29.19 -3.68
N LEU A 702 11.30 -28.86 -3.75
CA LEU A 702 10.16 -29.67 -4.25
C LEU A 702 9.56 -30.52 -3.11
C2 BGC B . 10.66 2.57 5.13
C3 BGC B . 9.13 2.36 5.32
C4 BGC B . 8.89 0.87 5.77
C5 BGC B . 9.93 0.34 6.85
C6 BGC B . 9.89 -1.13 7.22
C1 BGC B . 11.16 2.17 6.54
O1 BGC B . 12.20 2.93 7.13
O2 BGC B . 11.08 3.88 4.59
O3 BGC B . 8.41 2.73 4.13
O4 BGC B . 7.60 0.77 6.39
O5 BGC B . 11.30 0.72 6.53
O6 BGC B . 9.83 -2.10 6.21
C2 BGC B . 5.38 -0.20 6.53
C3 BGC B . 4.19 -0.62 5.68
C4 BGC B . 3.91 0.38 4.52
C5 BGC B . 5.18 0.67 3.71
C6 BGC B . 4.90 1.70 2.61
C1 BGC B . 6.53 0.25 5.61
O2 BGC B . 5.93 -1.25 7.39
O3 BGC B . 2.95 -0.75 6.39
O4 BGC B . 2.87 -0.10 3.65
O5 BGC B . 6.15 1.21 4.63
O6 BGC B . 4.32 2.89 3.20
CA CA C . 4.76 17.34 4.57
CA CA D . -17.93 -6.44 8.77
CA CA E . -19.12 -24.15 2.04
C1 MLI F . 1.94 16.73 -9.93
C2 MLI F . 1.95 16.92 -8.46
C3 MLI F . 1.26 15.41 -10.06
O6 MLI F . 0.92 16.79 -7.84
O7 MLI F . 2.95 17.26 -7.90
O8 MLI F . 0.00 15.29 -10.16
O9 MLI F . 2.03 14.40 -9.95
C1 MLI G . 5.08 15.02 -9.61
C2 MLI G . 5.92 16.14 -10.12
C3 MLI G . 5.72 13.66 -9.75
O6 MLI G . 5.56 17.34 -9.78
O7 MLI G . 6.88 15.85 -10.91
O8 MLI G . 5.31 12.76 -8.88
O9 MLI G . 6.53 13.52 -10.75
C1 EDO H . -26.75 10.67 13.33
O1 EDO H . -27.81 10.67 14.26
C2 EDO H . -25.44 10.23 13.94
O2 EDO H . -25.55 9.04 14.71
C1 EDO I . -17.50 13.72 -1.66
O1 EDO I . -18.54 14.04 -2.64
C2 EDO I . -16.05 13.45 -2.16
O2 EDO I . -15.45 14.46 -3.05
C1 EDO J . -9.05 11.91 -23.98
O1 EDO J . -9.12 13.28 -23.58
C2 EDO J . -9.33 12.01 -25.46
O2 EDO J . -9.04 13.39 -25.73
C ACT K . -0.07 -22.51 -12.00
O ACT K . 0.27 -22.15 -10.85
OXT ACT K . -1.07 -23.12 -12.36
CH3 ACT K . 0.72 -22.23 -13.16
C ACT L . 26.45 -17.85 -8.92
O ACT L . 25.40 -17.69 -8.21
OXT ACT L . 26.83 -18.97 -9.35
CH3 ACT L . 27.28 -16.63 -9.26
C ACT M . 14.02 -28.41 2.50
O ACT M . 12.87 -27.87 2.62
OXT ACT M . 15.07 -27.71 2.54
CH3 ACT M . 14.13 -29.91 2.35
C ACT N . 8.59 14.59 -5.96
O ACT N . 7.84 14.91 -6.96
OXT ACT N . 9.49 13.72 -6.02
CH3 ACT N . 8.52 15.24 -4.61
C ACT O . -3.93 5.48 2.07
O ACT O . -5.00 5.75 1.42
OXT ACT O . -2.69 5.78 2.01
CH3 ACT O . -4.11 4.61 3.19
C ACT P . 2.84 8.20 3.53
O ACT P . 2.47 9.37 3.08
OXT ACT P . 3.93 8.02 4.04
CH3 ACT P . 2.03 6.91 3.49
C1 GOL Q . -1.21 3.81 -25.89
O1 GOL Q . -2.15 4.93 -25.78
C2 GOL Q . -1.68 2.35 -26.34
O2 GOL Q . -2.81 2.25 -27.20
C3 GOL Q . -0.60 1.38 -26.91
O3 GOL Q . -0.41 0.04 -26.39
C1 GOL R . 11.41 0.61 -22.12
O1 GOL R . 11.22 -0.16 -20.88
C2 GOL R . 10.17 1.36 -22.69
O2 GOL R . 9.16 0.81 -21.89
C3 GOL R . 10.13 2.90 -22.86
O3 GOL R . 9.00 3.85 -22.53
C1 GOL S . 14.41 11.78 -4.62
C1 GOL S . 14.34 11.87 -4.32
O1 GOL S . 13.96 12.22 -3.29
O1 GOL S . 15.72 11.64 -4.66
C2 GOL S . 13.18 11.25 -5.42
C2 GOL S . 13.25 11.35 -5.32
O2 GOL S . 13.41 10.10 -6.26
O2 GOL S . 13.49 10.18 -6.14
C3 GOL S . 12.52 12.40 -6.16
C3 GOL S . 12.85 12.49 -6.23
O3 GOL S . 11.88 13.27 -5.18
O3 GOL S . 12.28 11.89 -7.40
#